data_6SE9
#
_entry.id   6SE9
#
_cell.length_a   138.902
_cell.length_b   138.902
_cell.length_c   127.875
_cell.angle_alpha   90.000
_cell.angle_beta   90.000
_cell.angle_gamma   120.000
#
_symmetry.space_group_name_H-M   'P 31 2 1'
#
loop_
_entity.id
_entity.type
_entity.pdbx_description
1 polymer Beta-galactosidase
2 branched beta-D-galactopyranose-(1-4)-beta-D-glucopyranose
3 non-polymer 'SODIUM ION'
4 non-polymer 'ACETATE ION'
5 non-polymer 'MALONATE ION'
6 non-polymer 'FORMIC ACID'
7 non-polymer beta-D-fructofuranose
8 non-polymer beta-D-galactopyranose
9 water water
#
_entity_poly.entity_id   1
_entity_poly.type   'polypeptide(L)'
_entity_poly.pdbx_seq_one_letter_code
;MSVETPSALADSSPHTAPGSAGRSLELGAADIQDLESFEAGRGALPARAYLQSDAPRLSLNGEWQFRLSPGSRVAPDDGW
QLGEALNGFESLPVPSSWPMHGHGAPAYTNVQFPFAVEPPHVPEANPIGDHLVVFEAGPEFFPHALLRFDGIESAGTVWL
NGVELGTTRGSRLAHEFDVSGILEQGENTLAVRVAQFSAASYVEDQDMWWLPGIFRDVTLQARPAAGIDDVFVHAGYDHI
TGEGILKVEASRGGQAIDAVVRVPELALELAAGTEVRVPAVEPWSAEVPKLYEAAVSAAGESVALQIGFRSIAIEDAQFK
VNGRRILLRGVNRHEHHPRLGRVVPRDVVEAELRLMKQHNINAIRTSHYPPHPQFLALADQLGFYVVLECDLETHGFESA
GWAQNPSDDPQWEDALVDRMRRTVERDKNHASVVMWSLGNQAGTGRNLAAMSRWTKDRDPSRPIHYEGDWSSEHVDVYSR
MYASQAETALIGQGIEPALNDAALDARRRAMPFVLCEYVHAMGNGPGGMSEYQALFEKYPRLMGGFVWEWLEHGITVSTA
DGVDHYGYGGDFGEEVHDGNFVTDGLVDADRRPRPGLLDFKKVIEPLRIDVARDWTGFTLRNGQDFADTSAFSFRYEVEA
DGGALDGGTVDVAPVAPQSETVVELPGSVAALAAGLSDGRPAVLTVRAVLGADSAWADAGHEVAWGQSVREPGAPVPPAP
VEPVQVQDSELTLGPVVFSRATGMPTSIGGVPVEKLGLTLWWAPTDNDLGREWGGADERPLATQWKDAGLNRLHTRLLGI
SANPGQDGGETLTVRTRVSAADKQYGVLVDYTWSTDGETVGLRTQVRRDGTWVNRGFEVEWARIGLEFVLGEETELVSWF
GQGPHQSYPDTGQGARAGWFSLPLAKMDVEYVRPQECGARSGSRSAALQLGGRTLEICGDPFALTVRPYSQDVLDAAAHR
PDLKADGRTYLYVDHALRGVGTAACGPGVLEQYRLKPRDADFILTLKVRS
;
_entity_poly.pdbx_strand_id   A
#
loop_
_chem_comp.id
_chem_comp.type
_chem_comp.name
_chem_comp.formula
ACT non-polymer 'ACETATE ION' 'C2 H3 O2 -1'
BGC D-saccharide, beta linking beta-D-glucopyranose 'C6 H12 O6'
FMT non-polymer 'FORMIC ACID' 'C H2 O2'
FRU D-saccharide, beta linking beta-D-fructofuranose 'C6 H12 O6'
GAL D-saccharide, beta linking beta-D-galactopyranose 'C6 H12 O6'
MLI non-polymer 'MALONATE ION' 'C3 H2 O4 -2'
NA non-polymer 'SODIUM ION' 'Na 1'
#
# COMPACT_ATOMS: atom_id res chain seq x y z
N GLY A 22 -5.92 31.82 -50.03
CA GLY A 22 -5.76 32.20 -48.65
C GLY A 22 -4.96 31.19 -47.84
N ARG A 23 -4.45 31.62 -46.69
CA ARG A 23 -3.62 30.77 -45.85
C ARG A 23 -4.23 30.65 -44.46
N SER A 24 -3.41 30.43 -43.42
CA SER A 24 -3.93 30.04 -42.12
C SER A 24 -4.65 31.18 -41.41
N LEU A 25 -5.61 30.81 -40.55
CA LEU A 25 -6.30 31.78 -39.70
C LEU A 25 -6.46 31.31 -38.26
N GLU A 26 -6.04 30.10 -37.92
CA GLU A 26 -6.23 29.61 -36.56
C GLU A 26 -5.27 30.29 -35.59
N LEU A 27 -5.64 30.29 -34.31
CA LEU A 27 -4.88 30.96 -33.27
C LEU A 27 -4.05 29.98 -32.46
N GLY A 28 -2.90 30.44 -32.01
CA GLY A 28 -2.08 29.68 -31.08
C GLY A 28 -1.36 28.49 -31.67
N ALA A 29 -1.21 28.44 -33.00
CA ALA A 29 -0.57 27.28 -33.62
C ALA A 29 0.87 27.11 -33.16
N ALA A 30 1.54 28.21 -32.78
CA ALA A 30 2.93 28.13 -32.37
C ALA A 30 3.06 27.38 -31.04
N ASP A 31 2.32 27.82 -30.01
CA ASP A 31 2.33 27.11 -28.73
C ASP A 31 1.99 25.64 -28.91
N ILE A 32 1.01 25.34 -29.75
CA ILE A 32 0.57 23.95 -29.90
C ILE A 32 1.65 23.13 -30.60
N GLN A 33 2.34 23.74 -31.56
CA GLN A 33 3.41 23.03 -32.26
C GLN A 33 4.50 22.59 -31.29
N ASP A 34 4.83 23.45 -30.33
CA ASP A 34 5.84 23.08 -29.32
C ASP A 34 5.32 21.98 -28.41
N LEU A 35 4.06 22.07 -27.98
CA LEU A 35 3.49 21.02 -27.14
C LEU A 35 3.50 19.67 -27.85
N GLU A 36 3.34 19.66 -29.17
CA GLU A 36 3.33 18.42 -29.94
C GLU A 36 4.72 17.91 -30.29
N SER A 37 5.76 18.47 -29.68
CA SER A 37 7.13 18.14 -30.04
C SER A 37 7.55 16.79 -29.46
N PHE A 38 8.24 16.00 -30.28
CA PHE A 38 8.84 14.75 -29.83
C PHE A 38 10.15 14.96 -29.09
N GLU A 39 10.66 16.19 -29.05
CA GLU A 39 12.00 16.44 -28.54
C GLU A 39 12.01 16.52 -27.02
N ALA A 40 13.21 16.46 -26.44
CA ALA A 40 13.40 16.34 -25.01
C ALA A 40 13.37 17.68 -24.28
N GLY A 41 12.93 18.74 -24.93
CA GLY A 41 13.05 20.06 -24.32
C GLY A 41 14.40 20.69 -24.56
N ARG A 42 14.41 22.01 -24.60
CA ARG A 42 15.57 22.76 -25.07
C ARG A 42 16.09 23.72 -24.00
N GLY A 43 17.38 24.02 -24.11
CA GLY A 43 18.01 25.09 -23.37
C GLY A 43 18.57 24.74 -22.01
N ALA A 44 18.48 23.48 -21.58
CA ALA A 44 18.87 23.11 -20.23
C ALA A 44 20.35 22.70 -20.16
N LEU A 45 20.91 22.80 -18.95
CA LEU A 45 22.27 22.36 -18.70
C LEU A 45 22.36 20.82 -18.69
N PRO A 46 23.58 20.29 -18.76
CA PRO A 46 23.77 18.84 -18.57
C PRO A 46 23.07 18.31 -17.35
N ALA A 47 22.29 17.25 -17.53
CA ALA A 47 21.73 16.49 -16.43
C ALA A 47 22.84 16.05 -15.49
N ARG A 48 22.62 16.23 -14.19
CA ARG A 48 23.65 15.95 -13.20
C ARG A 48 22.99 15.45 -11.92
N ALA A 49 23.83 15.16 -10.94
CA ALA A 49 23.37 14.69 -9.64
C ALA A 49 22.79 15.83 -8.83
N TYR A 50 21.85 15.49 -7.95
CA TYR A 50 21.36 16.40 -6.92
C TYR A 50 22.38 16.40 -5.78
N LEU A 51 23.06 17.52 -5.58
CA LEU A 51 24.22 17.60 -4.70
C LEU A 51 24.02 18.65 -3.63
N GLN A 52 24.47 18.34 -2.41
CA GLN A 52 24.49 19.30 -1.31
C GLN A 52 25.76 20.11 -1.41
N SER A 53 25.62 21.40 -1.72
CA SER A 53 26.75 22.27 -2.05
C SER A 53 26.76 23.50 -1.15
N ASP A 54 27.96 24.01 -0.90
CA ASP A 54 28.13 25.25 -0.16
C ASP A 54 27.97 26.48 -1.04
N ALA A 55 27.59 26.31 -2.31
CA ALA A 55 27.37 27.44 -3.17
C ALA A 55 26.11 28.19 -2.74
N PRO A 56 26.12 29.52 -2.75
CA PRO A 56 24.91 30.26 -2.33
C PRO A 56 23.69 29.84 -3.14
N ARG A 57 22.56 29.75 -2.45
CA ARG A 57 21.31 29.33 -3.07
C ARG A 57 20.17 30.14 -2.50
N LEU A 58 19.17 30.40 -3.33
CA LEU A 58 17.97 31.14 -2.94
C LEU A 58 16.75 30.35 -3.44
N SER A 59 15.97 29.82 -2.52
CA SER A 59 14.73 29.15 -2.89
C SER A 59 13.69 30.19 -3.28
N LEU A 60 13.07 29.98 -4.44
CA LEU A 60 12.01 30.87 -4.92
C LEU A 60 10.62 30.35 -4.58
N ASN A 61 10.54 29.27 -3.81
CA ASN A 61 9.25 28.79 -3.33
C ASN A 61 8.52 29.89 -2.59
N GLY A 62 7.19 29.80 -2.56
CA GLY A 62 6.37 30.77 -1.86
C GLY A 62 5.12 31.13 -2.63
N GLU A 63 4.64 32.36 -2.44
CA GLU A 63 3.43 32.84 -3.10
C GLU A 63 3.79 33.46 -4.43
N TRP A 64 3.32 32.86 -5.52
CA TRP A 64 3.47 33.39 -6.86
C TRP A 64 2.13 33.95 -7.33
N GLN A 65 2.17 34.58 -8.51
CA GLN A 65 0.96 35.01 -9.20
C GLN A 65 0.65 34.02 -10.31
N PHE A 66 -0.64 33.77 -10.53
CA PHE A 66 -1.06 32.66 -11.38
C PHE A 66 -2.32 33.03 -12.16
N ARG A 67 -2.31 32.72 -13.45
CA ARG A 67 -3.49 32.88 -14.31
C ARG A 67 -3.71 31.57 -15.07
N LEU A 68 -4.96 31.16 -15.18
CA LEU A 68 -5.33 29.93 -15.86
C LEU A 68 -6.10 30.25 -17.13
N SER A 69 -5.72 29.61 -18.22
CA SER A 69 -6.45 29.68 -19.48
C SER A 69 -6.84 28.29 -19.94
N PRO A 70 -8.02 28.12 -20.54
CA PRO A 70 -8.50 26.76 -20.86
C PRO A 70 -7.83 26.12 -22.07
N GLY A 71 -6.99 26.85 -22.80
CA GLY A 71 -6.35 26.27 -23.97
C GLY A 71 -5.29 27.21 -24.51
N SER A 72 -4.47 26.67 -25.41
CA SER A 72 -3.36 27.45 -25.96
C SER A 72 -3.88 28.54 -26.90
N ARG A 73 -4.96 28.27 -27.63
CA ARG A 73 -5.45 29.23 -28.61
C ARG A 73 -6.05 30.47 -27.95
N VAL A 74 -6.36 30.40 -26.65
CA VAL A 74 -6.90 31.54 -25.92
C VAL A 74 -5.96 32.05 -24.85
N ALA A 75 -4.86 31.35 -24.57
CA ALA A 75 -3.86 31.85 -23.65
C ALA A 75 -3.34 33.19 -24.14
N PRO A 76 -3.48 34.28 -23.36
CA PRO A 76 -3.07 35.59 -23.86
C PRO A 76 -1.60 35.65 -24.24
N ASP A 77 -1.31 36.45 -25.27
CA ASP A 77 0.06 36.80 -25.63
C ASP A 77 0.29 38.28 -25.31
N ASP A 78 0.07 38.65 -24.05
CA ASP A 78 0.00 40.06 -23.65
C ASP A 78 1.23 40.49 -22.86
N GLY A 79 2.39 39.90 -23.14
CA GLY A 79 3.63 40.33 -22.50
C GLY A 79 3.62 40.19 -20.99
N TRP A 80 2.80 39.27 -20.47
CA TRP A 80 2.74 39.07 -19.02
C TRP A 80 4.09 38.68 -18.43
N GLN A 81 5.00 38.12 -19.23
CA GLN A 81 6.27 37.65 -18.71
C GLN A 81 7.07 38.77 -18.05
N LEU A 82 6.82 40.02 -18.41
CA LEU A 82 7.50 41.14 -17.77
C LEU A 82 6.92 41.46 -16.39
N GLY A 83 5.82 40.83 -16.00
CA GLY A 83 5.25 41.02 -14.69
C GLY A 83 4.62 42.38 -14.44
N GLU A 84 4.53 43.23 -15.47
CA GLU A 84 3.97 44.57 -15.33
C GLU A 84 2.56 44.60 -15.88
N ALA A 85 1.63 45.19 -15.13
CA ALA A 85 0.23 45.29 -15.52
C ALA A 85 -0.35 43.91 -15.81
N LEU A 86 -0.50 43.14 -14.74
CA LEU A 86 -1.05 41.79 -14.81
C LEU A 86 -2.56 41.84 -14.55
N ASN A 87 -3.34 41.42 -15.55
CA ASN A 87 -4.78 41.30 -15.42
C ASN A 87 -5.15 39.82 -15.35
N GLY A 88 -6.02 39.49 -14.40
CA GLY A 88 -6.50 38.13 -14.25
C GLY A 88 -5.63 37.23 -13.40
N PHE A 89 -4.49 37.71 -12.91
CA PHE A 89 -3.64 36.90 -12.05
C PHE A 89 -4.10 37.00 -10.60
N GLU A 90 -3.78 35.94 -9.85
CA GLU A 90 -4.11 35.89 -8.43
C GLU A 90 -3.04 35.07 -7.73
N SER A 91 -3.03 35.13 -6.40
CA SER A 91 -2.02 34.43 -5.63
C SER A 91 -2.20 32.92 -5.71
N LEU A 92 -1.08 32.20 -5.74
CA LEU A 92 -1.07 30.74 -5.73
C LEU A 92 0.26 30.31 -5.14
N PRO A 93 0.28 29.33 -4.24
CA PRO A 93 1.55 28.85 -3.72
C PRO A 93 2.32 28.04 -4.76
N VAL A 94 3.64 28.08 -4.65
CA VAL A 94 4.53 27.28 -5.49
C VAL A 94 5.61 26.71 -4.57
N PRO A 95 5.87 25.39 -4.58
CA PRO A 95 5.30 24.36 -5.45
C PRO A 95 3.82 24.09 -5.20
N SER A 96 3.12 23.51 -6.18
CA SER A 96 1.69 23.23 -6.04
C SER A 96 1.22 22.37 -7.20
N SER A 97 0.15 21.62 -6.93
CA SER A 97 -0.67 20.99 -7.98
C SER A 97 -1.93 21.85 -8.06
N TRP A 98 -2.03 22.67 -9.11
CA TRP A 98 -2.97 23.78 -9.05
C TRP A 98 -4.44 23.35 -9.05
N PRO A 99 -4.80 22.15 -9.50
CA PRO A 99 -6.19 21.69 -9.29
C PRO A 99 -6.53 21.42 -7.84
N MET A 100 -5.54 21.34 -6.96
CA MET A 100 -5.77 21.19 -5.53
C MET A 100 -6.11 22.51 -4.85
N HIS A 101 -6.17 23.61 -5.59
CA HIS A 101 -6.41 24.94 -5.03
C HIS A 101 -7.53 25.66 -5.77
N GLY A 102 -8.47 24.92 -6.34
CA GLY A 102 -9.65 25.49 -6.95
C GLY A 102 -9.53 25.85 -8.42
N HIS A 103 -8.35 25.69 -9.02
CA HIS A 103 -8.16 25.99 -10.43
C HIS A 103 -8.35 24.69 -11.21
N GLY A 104 -9.54 24.52 -11.79
CA GLY A 104 -9.88 23.24 -12.36
C GLY A 104 -10.21 22.25 -11.26
N ALA A 105 -9.98 20.97 -11.55
CA ALA A 105 -10.25 19.92 -10.58
C ALA A 105 -9.34 18.73 -10.86
N PRO A 106 -9.03 17.93 -9.85
CA PRO A 106 -8.31 16.67 -10.12
C PRO A 106 -9.16 15.75 -11.00
N ALA A 107 -8.48 14.86 -11.71
CA ALA A 107 -9.13 13.87 -12.55
C ALA A 107 -8.33 12.59 -12.50
N TYR A 108 -9.00 11.48 -12.22
CA TYR A 108 -8.34 10.18 -12.05
C TYR A 108 -8.72 9.23 -13.17
N THR A 109 -7.71 8.71 -13.87
CA THR A 109 -7.88 7.58 -14.76
C THR A 109 -6.80 6.56 -14.44
N ASN A 110 -7.12 5.28 -14.63
CA ASN A 110 -6.17 4.21 -14.39
C ASN A 110 -5.35 3.97 -15.66
N VAL A 111 -5.92 3.25 -16.61
CA VAL A 111 -5.26 2.96 -17.87
C VAL A 111 -5.63 3.98 -18.94
N GLN A 112 -6.93 4.24 -19.10
CA GLN A 112 -7.41 5.03 -20.21
C GLN A 112 -6.86 6.45 -20.17
N PHE A 113 -6.49 6.95 -21.34
CA PHE A 113 -6.12 8.35 -21.47
C PHE A 113 -7.37 9.22 -21.38
N PRO A 114 -7.28 10.41 -20.78
CA PRO A 114 -8.44 11.31 -20.74
C PRO A 114 -8.63 12.15 -22.00
N PHE A 115 -7.84 11.88 -23.04
CA PHE A 115 -7.92 12.61 -24.30
C PHE A 115 -7.86 11.60 -25.43
N ALA A 116 -8.30 12.01 -26.61
CA ALA A 116 -8.20 11.15 -27.78
C ALA A 116 -6.76 10.73 -27.99
N VAL A 117 -6.56 9.48 -28.39
CA VAL A 117 -5.23 8.91 -28.54
C VAL A 117 -4.79 9.11 -29.99
N GLU A 118 -4.02 10.17 -30.22
CA GLU A 118 -3.48 10.47 -31.55
C GLU A 118 -2.16 11.21 -31.36
N PRO A 119 -1.12 10.51 -30.89
CA PRO A 119 0.13 11.19 -30.58
C PRO A 119 0.70 11.83 -31.83
N PRO A 120 1.39 12.98 -31.69
CA PRO A 120 1.68 13.73 -30.46
C PRO A 120 0.67 14.84 -30.15
N HIS A 121 -0.54 14.71 -30.68
CA HIS A 121 -1.50 15.82 -30.65
C HIS A 121 -2.15 15.95 -29.27
N VAL A 122 -2.59 17.16 -28.96
CA VAL A 122 -3.17 17.49 -27.66
C VAL A 122 -4.60 17.97 -27.84
N PRO A 123 -5.47 17.79 -26.85
CA PRO A 123 -6.86 18.26 -26.99
C PRO A 123 -6.96 19.78 -26.92
N GLU A 124 -8.08 20.28 -27.43
CA GLU A 124 -8.34 21.71 -27.35
C GLU A 124 -8.54 22.16 -25.90
N ALA A 125 -9.16 21.31 -25.08
CA ALA A 125 -9.32 21.58 -23.65
C ALA A 125 -8.02 21.19 -22.96
N ASN A 126 -7.15 22.18 -22.74
CA ASN A 126 -5.81 21.94 -22.19
C ASN A 126 -5.49 23.09 -21.23
N PRO A 127 -5.72 22.91 -19.92
CA PRO A 127 -5.41 23.99 -18.97
C PRO A 127 -4.00 24.53 -19.10
N ILE A 128 -3.87 25.83 -19.34
CA ILE A 128 -2.59 26.51 -19.46
C ILE A 128 -2.43 27.43 -18.24
N GLY A 129 -1.41 27.15 -17.43
CA GLY A 129 -1.14 27.95 -16.25
C GLY A 129 0.07 28.86 -16.41
N ASP A 130 -0.13 30.16 -16.29
CA ASP A 130 0.94 31.15 -16.36
C ASP A 130 1.36 31.53 -14.94
N HIS A 131 2.61 31.27 -14.59
CA HIS A 131 3.14 31.51 -13.26
C HIS A 131 4.18 32.62 -13.32
N LEU A 132 4.21 33.45 -12.28
CA LEU A 132 5.12 34.58 -12.25
C LEU A 132 5.51 34.90 -10.83
N VAL A 133 6.81 35.16 -10.62
CA VAL A 133 7.33 35.52 -9.30
C VAL A 133 8.44 36.55 -9.49
N VAL A 134 8.59 37.41 -8.48
CA VAL A 134 9.62 38.44 -8.47
C VAL A 134 10.52 38.19 -7.25
N PHE A 135 11.82 38.34 -7.45
CA PHE A 135 12.79 38.03 -6.41
C PHE A 135 14.01 38.90 -6.58
N GLU A 136 14.83 38.94 -5.53
CA GLU A 136 16.03 39.76 -5.49
C GLU A 136 17.26 38.88 -5.61
N ALA A 137 18.19 39.27 -6.48
CA ALA A 137 19.42 38.52 -6.70
C ALA A 137 20.59 39.38 -6.25
N GLY A 138 21.22 38.99 -5.13
CA GLY A 138 22.35 39.71 -4.61
C GLY A 138 23.62 39.41 -5.38
N PRO A 139 24.71 40.08 -4.97
CA PRO A 139 25.99 39.90 -5.67
C PRO A 139 26.54 38.49 -5.57
N GLU A 140 25.99 37.63 -4.73
CA GLU A 140 26.48 36.26 -4.62
C GLU A 140 26.16 35.44 -5.88
N PHE A 141 25.15 35.84 -6.64
CA PHE A 141 24.71 35.10 -7.81
C PHE A 141 25.29 35.65 -9.11
N PHE A 142 26.41 36.35 -9.02
CA PHE A 142 27.06 36.93 -10.18
C PHE A 142 28.56 36.66 -10.07
N PRO A 143 29.24 36.38 -11.19
CA PRO A 143 28.74 36.40 -12.57
C PRO A 143 27.81 35.25 -12.97
N HIS A 144 27.98 34.05 -12.42
CA HIS A 144 27.31 32.86 -12.91
C HIS A 144 26.30 32.32 -11.91
N ALA A 145 25.15 31.91 -12.42
CA ALA A 145 24.10 31.29 -11.62
C ALA A 145 23.20 30.49 -12.56
N LEU A 146 22.30 29.70 -11.96
CA LEU A 146 21.32 28.94 -12.72
C LEU A 146 20.01 28.90 -11.97
N LEU A 147 18.96 28.50 -12.68
CA LEU A 147 17.64 28.24 -12.11
C LEU A 147 17.35 26.75 -12.21
N ARG A 148 16.86 26.16 -11.12
CA ARG A 148 16.61 24.74 -11.03
C ARG A 148 15.13 24.49 -10.80
N PHE A 149 14.53 23.63 -11.63
CA PHE A 149 13.16 23.17 -11.48
C PHE A 149 13.17 21.66 -11.28
N ASP A 150 12.71 21.22 -10.11
CA ASP A 150 12.74 19.79 -9.80
C ASP A 150 11.48 19.06 -10.25
N GLY A 151 10.49 19.76 -10.80
CA GLY A 151 9.33 19.09 -11.37
C GLY A 151 8.27 20.02 -11.91
N ILE A 152 7.84 19.79 -13.14
CA ILE A 152 6.74 20.52 -13.77
C ILE A 152 5.90 19.54 -14.57
N GLU A 153 4.59 19.49 -14.30
CA GLU A 153 3.68 18.59 -15.00
C GLU A 153 2.82 19.42 -15.95
N SER A 154 2.95 19.23 -17.27
CA SER A 154 3.86 18.29 -17.94
C SER A 154 4.82 19.00 -18.91
N ALA A 155 4.51 20.25 -19.26
CA ALA A 155 5.31 20.97 -20.25
C ALA A 155 5.44 22.41 -19.80
N GLY A 156 6.68 22.82 -19.52
CA GLY A 156 6.97 24.17 -19.04
C GLY A 156 7.76 24.97 -20.05
N THR A 157 7.42 26.26 -20.16
CA THR A 157 8.25 27.25 -20.82
C THR A 157 8.63 28.30 -19.80
N VAL A 158 9.89 28.74 -19.82
CA VAL A 158 10.45 29.56 -18.76
C VAL A 158 11.07 30.81 -19.38
N TRP A 159 10.71 31.98 -18.84
CA TRP A 159 11.34 33.25 -19.17
C TRP A 159 11.89 33.89 -17.92
N LEU A 160 13.03 34.54 -18.03
CA LEU A 160 13.60 35.35 -16.96
C LEU A 160 13.79 36.76 -17.48
N ASN A 161 13.10 37.72 -16.88
CA ASN A 161 13.15 39.11 -17.32
C ASN A 161 12.79 39.25 -18.80
N GLY A 162 11.91 38.38 -19.30
CA GLY A 162 11.38 38.47 -20.63
C GLY A 162 12.07 37.59 -21.66
N VAL A 163 13.27 37.09 -21.37
CA VAL A 163 14.02 36.25 -22.31
C VAL A 163 13.74 34.79 -22.01
N GLU A 164 13.53 34.01 -23.06
CA GLU A 164 13.22 32.60 -22.91
C GLU A 164 14.49 31.81 -22.56
N LEU A 165 14.41 31.05 -21.46
CA LEU A 165 15.51 30.16 -21.09
C LEU A 165 15.39 28.83 -21.82
N GLY A 166 14.19 28.25 -21.84
CA GLY A 166 13.99 26.98 -22.52
C GLY A 166 12.69 26.34 -22.07
N THR A 167 12.60 25.04 -22.31
CA THR A 167 11.41 24.25 -21.97
C THR A 167 11.83 23.02 -21.19
N THR A 168 10.83 22.39 -20.57
CA THR A 168 11.05 21.20 -19.75
C THR A 168 10.12 20.09 -20.20
N ARG A 169 10.67 18.88 -20.31
CA ARG A 169 9.89 17.66 -20.53
C ARG A 169 10.41 16.60 -19.57
N GLY A 170 9.49 15.75 -19.11
CA GLY A 170 9.78 14.84 -18.02
C GLY A 170 9.27 15.41 -16.71
N SER A 171 8.01 15.10 -16.38
CA SER A 171 7.31 15.87 -15.37
C SER A 171 7.94 15.71 -13.99
N ARG A 172 8.49 14.54 -13.68
CA ARG A 172 9.07 14.28 -12.37
C ARG A 172 10.59 14.32 -12.39
N LEU A 173 11.17 14.97 -13.39
CA LEU A 173 12.61 15.08 -13.54
C LEU A 173 13.04 16.52 -13.38
N ALA A 174 14.31 16.73 -13.07
CA ALA A 174 14.84 18.06 -12.79
C ALA A 174 15.42 18.69 -14.05
N HIS A 175 15.29 20.01 -14.14
CA HIS A 175 15.84 20.80 -15.23
C HIS A 175 16.56 22.02 -14.67
N GLU A 176 17.70 22.35 -15.26
CA GLU A 176 18.49 23.50 -14.83
C GLU A 176 18.79 24.40 -16.03
N PHE A 177 18.70 25.70 -15.81
CA PHE A 177 18.87 26.69 -16.87
C PHE A 177 19.88 27.74 -16.44
N ASP A 178 20.84 28.02 -17.32
CA ASP A 178 21.87 29.02 -17.03
C ASP A 178 21.31 30.42 -17.24
N VAL A 179 21.43 31.26 -16.21
CA VAL A 179 20.91 32.62 -16.25
C VAL A 179 22.04 33.65 -16.28
N SER A 180 23.26 33.22 -16.52
CA SER A 180 24.39 34.14 -16.60
C SER A 180 24.18 35.14 -17.74
N GLY A 181 24.27 36.43 -17.40
CA GLY A 181 24.02 37.48 -18.36
C GLY A 181 22.55 37.79 -18.57
N ILE A 182 21.65 36.95 -18.07
CA ILE A 182 20.22 37.24 -18.06
C ILE A 182 19.77 37.71 -16.69
N LEU A 183 20.15 36.98 -15.64
CA LEU A 183 19.97 37.46 -14.28
C LEU A 183 20.64 38.81 -14.12
N GLU A 184 19.90 39.76 -13.53
CA GLU A 184 20.40 41.11 -13.31
C GLU A 184 20.48 41.40 -11.82
N GLN A 185 21.45 42.21 -11.45
CA GLN A 185 21.61 42.62 -10.05
C GLN A 185 20.32 43.25 -9.54
N GLY A 186 19.82 42.73 -8.43
CA GLY A 186 18.63 43.27 -7.80
C GLY A 186 17.37 42.52 -8.23
N GLU A 187 16.35 43.26 -8.63
CA GLU A 187 15.05 42.66 -8.90
C GLU A 187 15.05 41.89 -10.21
N ASN A 188 14.42 40.72 -10.20
CA ASN A 188 14.25 39.89 -11.38
C ASN A 188 12.83 39.36 -11.42
N THR A 189 12.38 39.00 -12.62
CA THR A 189 11.02 38.54 -12.85
C THR A 189 11.07 37.20 -13.58
N LEU A 190 10.57 36.15 -12.93
CA LEU A 190 10.54 34.81 -13.49
C LEU A 190 9.11 34.48 -13.92
N ALA A 191 8.96 34.04 -15.17
CA ALA A 191 7.66 33.70 -15.73
C ALA A 191 7.73 32.28 -16.29
N VAL A 192 6.74 31.46 -15.94
CA VAL A 192 6.68 30.06 -16.38
C VAL A 192 5.27 29.78 -16.87
N ARG A 193 5.16 29.39 -18.14
CA ARG A 193 3.91 28.89 -18.70
C ARG A 193 3.92 27.37 -18.66
N VAL A 194 2.87 26.79 -18.07
CA VAL A 194 2.77 25.35 -17.88
C VAL A 194 1.50 24.89 -18.58
N ALA A 195 1.65 23.92 -19.48
CA ALA A 195 0.53 23.24 -20.10
C ALA A 195 0.33 21.90 -19.40
N GLN A 196 -0.91 21.61 -19.00
CA GLN A 196 -1.20 20.32 -18.40
C GLN A 196 -0.82 19.19 -19.35
N PHE A 197 -1.38 19.22 -20.56
CA PHE A 197 -1.17 18.14 -21.52
C PHE A 197 -0.17 18.55 -22.58
N SER A 198 0.61 17.56 -23.01
CA SER A 198 1.56 17.72 -24.11
C SER A 198 1.80 16.35 -24.71
N ALA A 199 2.68 16.29 -25.71
CA ALA A 199 3.10 14.99 -26.23
C ALA A 199 3.63 14.11 -25.11
N ALA A 200 4.21 14.71 -24.07
CA ALA A 200 4.76 13.93 -22.97
C ALA A 200 3.68 13.21 -22.17
N SER A 201 2.44 13.70 -22.21
CA SER A 201 1.37 13.01 -21.51
C SER A 201 1.21 11.58 -22.01
N TYR A 202 1.52 11.33 -23.29
CA TYR A 202 1.41 9.99 -23.84
C TYR A 202 2.38 9.00 -23.20
N VAL A 203 3.43 9.48 -22.54
CA VAL A 203 4.41 8.62 -21.88
C VAL A 203 4.36 8.79 -20.37
N GLU A 204 3.34 9.46 -19.84
CA GLU A 204 3.12 9.63 -18.41
C GLU A 204 1.70 9.19 -18.04
N ASP A 205 1.34 7.97 -18.40
CA ASP A 205 -0.02 7.44 -18.20
C ASP A 205 -0.11 6.56 -16.95
N GLN A 206 0.58 6.94 -15.88
CA GLN A 206 0.52 6.15 -14.66
C GLN A 206 -0.89 6.14 -14.08
N ASP A 207 -1.15 5.13 -13.26
CA ASP A 207 -2.43 4.96 -12.59
C ASP A 207 -2.46 5.88 -11.37
N MET A 208 -2.98 7.09 -11.56
CA MET A 208 -2.98 8.11 -10.51
CA MET A 208 -2.97 8.12 -10.52
C MET A 208 -3.77 9.32 -11.01
N TRP A 209 -3.77 10.37 -10.19
CA TRP A 209 -4.43 11.62 -10.54
C TRP A 209 -3.61 12.40 -11.57
N TRP A 210 -4.31 12.94 -12.56
CA TRP A 210 -3.72 13.93 -13.45
C TRP A 210 -3.70 15.28 -12.73
N LEU A 211 -2.51 15.86 -12.55
CA LEU A 211 -2.35 17.05 -11.72
C LEU A 211 -1.27 17.94 -12.32
N PRO A 212 -1.64 18.96 -13.10
CA PRO A 212 -0.64 19.90 -13.60
C PRO A 212 -0.15 20.83 -12.51
N GLY A 213 1.02 21.43 -12.75
CA GLY A 213 1.56 22.42 -11.85
C GLY A 213 3.06 22.36 -11.70
N ILE A 214 3.64 23.43 -11.14
CA ILE A 214 5.04 23.45 -10.75
C ILE A 214 5.08 22.88 -9.33
N PHE A 215 5.18 21.56 -9.23
CA PHE A 215 4.87 20.84 -8.00
C PHE A 215 6.11 20.47 -7.19
N ARG A 216 7.28 20.96 -7.56
CA ARG A 216 8.50 20.73 -6.79
C ARG A 216 9.33 22.01 -6.76
N ASP A 217 10.38 21.99 -5.96
CA ASP A 217 11.09 23.20 -5.58
C ASP A 217 11.66 23.94 -6.79
N VAL A 218 11.72 25.26 -6.67
CA VAL A 218 12.39 26.13 -7.63
C VAL A 218 13.52 26.85 -6.88
N THR A 219 14.72 26.79 -7.43
CA THR A 219 15.90 27.27 -6.72
C THR A 219 16.80 28.07 -7.65
N LEU A 220 17.29 29.21 -7.15
CA LEU A 220 18.35 29.98 -7.78
C LEU A 220 19.66 29.56 -7.12
N GLN A 221 20.61 29.08 -7.92
CA GLN A 221 21.88 28.59 -7.41
C GLN A 221 23.02 29.35 -8.08
N ALA A 222 23.98 29.79 -7.27
CA ALA A 222 25.20 30.39 -7.81
C ALA A 222 26.18 29.30 -8.21
N ARG A 223 26.93 29.56 -9.28
CA ARG A 223 27.93 28.63 -9.82
C ARG A 223 29.28 29.32 -9.79
N PRO A 224 29.96 29.35 -8.64
CA PRO A 224 31.25 30.04 -8.56
C PRO A 224 32.27 29.38 -9.47
N ALA A 225 33.25 30.17 -9.88
CA ALA A 225 34.37 29.64 -10.65
C ALA A 225 35.15 28.64 -9.82
N ALA A 226 35.76 27.68 -10.51
CA ALA A 226 36.53 26.62 -9.85
C ALA A 226 35.63 25.82 -8.90
N GLY A 227 34.39 25.59 -9.32
CA GLY A 227 33.41 24.84 -8.55
C GLY A 227 33.29 23.40 -9.01
N ILE A 228 32.21 22.76 -8.57
CA ILE A 228 31.94 21.35 -8.87
C ILE A 228 30.53 21.27 -9.43
N ASP A 229 30.40 20.73 -10.65
CA ASP A 229 29.09 20.59 -11.26
C ASP A 229 28.47 19.22 -10.97
N ASP A 230 29.25 18.15 -11.13
CA ASP A 230 28.72 16.80 -10.95
C ASP A 230 29.69 15.96 -10.13
N VAL A 231 29.14 14.95 -9.46
CA VAL A 231 29.92 13.99 -8.68
C VAL A 231 29.32 12.61 -8.91
N PHE A 232 30.18 11.60 -8.99
CA PHE A 232 29.75 10.20 -9.14
C PHE A 232 30.50 9.37 -8.11
N VAL A 233 29.80 8.96 -7.05
CA VAL A 233 30.40 8.18 -5.98
C VAL A 233 30.37 6.71 -6.35
N HIS A 234 31.51 6.04 -6.18
CA HIS A 234 31.61 4.59 -6.31
C HIS A 234 32.14 4.04 -5.00
N ALA A 235 31.28 3.34 -4.26
CA ALA A 235 31.63 2.81 -2.93
C ALA A 235 31.27 1.32 -2.91
N GLY A 236 32.23 0.48 -3.30
CA GLY A 236 32.04 -0.95 -3.27
C GLY A 236 32.49 -1.56 -1.95
N TYR A 237 32.07 -2.81 -1.74
CA TYR A 237 32.41 -3.55 -0.53
C TYR A 237 32.91 -4.93 -0.91
N ASP A 238 34.02 -5.35 -0.28
CA ASP A 238 34.58 -6.68 -0.47
C ASP A 238 34.24 -7.49 0.77
N HIS A 239 33.20 -8.34 0.67
CA HIS A 239 32.72 -9.07 1.84
C HIS A 239 33.70 -10.16 2.30
N ILE A 240 34.68 -10.51 1.49
CA ILE A 240 35.71 -11.45 1.94
C ILE A 240 36.73 -10.75 2.82
N THR A 241 37.37 -9.70 2.29
CA THR A 241 38.39 -8.98 3.04
C THR A 241 37.81 -7.94 3.98
N GLY A 242 36.57 -7.50 3.75
CA GLY A 242 36.01 -6.39 4.51
C GLY A 242 36.44 -5.03 4.03
N GLU A 243 37.15 -4.95 2.91
CA GLU A 243 37.65 -3.68 2.39
C GLU A 243 36.53 -2.88 1.74
N GLY A 244 36.72 -1.56 1.70
CA GLY A 244 35.87 -0.66 0.94
C GLY A 244 36.61 -0.18 -0.30
N ILE A 245 35.93 -0.23 -1.43
CA ILE A 245 36.48 0.20 -2.72
C ILE A 245 35.87 1.56 -3.06
N LEU A 246 36.69 2.60 -3.00
CA LEU A 246 36.20 3.97 -3.09
C LEU A 246 36.81 4.68 -4.29
N LYS A 247 35.95 5.28 -5.12
CA LYS A 247 36.37 6.24 -6.13
C LYS A 247 35.27 7.27 -6.28
N VAL A 248 35.64 8.55 -6.19
CA VAL A 248 34.68 9.65 -6.27
C VAL A 248 35.09 10.52 -7.44
N GLU A 249 34.30 10.47 -8.52
CA GLU A 249 34.53 11.34 -9.66
C GLU A 249 33.96 12.73 -9.37
N ALA A 250 34.66 13.75 -9.87
CA ALA A 250 34.19 15.13 -9.80
C ALA A 250 34.53 15.80 -11.12
N SER A 251 33.61 16.63 -11.62
CA SER A 251 33.81 17.28 -12.90
C SER A 251 33.24 18.69 -12.87
N ARG A 252 33.71 19.50 -13.82
CA ARG A 252 33.22 20.86 -14.03
C ARG A 252 32.98 21.02 -15.52
N GLY A 253 31.78 21.45 -15.89
CA GLY A 253 31.46 21.58 -17.31
C GLY A 253 31.72 20.32 -18.10
N GLY A 254 31.49 19.16 -17.49
CA GLY A 254 31.63 17.89 -18.17
C GLY A 254 33.04 17.32 -18.20
N GLN A 255 34.02 18.02 -17.62
CA GLN A 255 35.40 17.56 -17.60
C GLN A 255 35.85 17.27 -16.18
N ALA A 256 36.58 16.19 -15.99
CA ALA A 256 37.13 15.87 -14.69
C ALA A 256 38.04 17.00 -14.20
N ILE A 257 38.02 17.25 -12.89
CA ILE A 257 38.75 18.36 -12.30
C ILE A 257 39.52 17.86 -11.09
N ASP A 258 40.53 18.64 -10.72
CA ASP A 258 41.28 18.39 -9.49
C ASP A 258 40.39 18.76 -8.30
N ALA A 259 40.15 17.79 -7.43
CA ALA A 259 39.37 18.03 -6.21
C ALA A 259 39.82 17.03 -5.16
N VAL A 260 39.66 17.42 -3.90
CA VAL A 260 40.12 16.61 -2.77
C VAL A 260 38.90 15.98 -2.11
N VAL A 261 38.99 14.68 -1.85
CA VAL A 261 37.94 13.93 -1.17
C VAL A 261 38.46 13.58 0.22
N ARG A 262 37.72 13.98 1.25
CA ARG A 262 38.07 13.68 2.63
C ARG A 262 36.95 12.90 3.29
N VAL A 263 37.31 11.85 4.01
CA VAL A 263 36.38 11.05 4.79
C VAL A 263 36.94 10.97 6.21
N PRO A 264 36.58 11.90 7.10
CA PRO A 264 37.24 11.95 8.41
C PRO A 264 37.17 10.65 9.19
N GLU A 265 35.99 10.03 9.26
CA GLU A 265 35.83 8.83 10.10
C GLU A 265 36.79 7.73 9.69
N LEU A 266 37.17 7.66 8.42
CA LEU A 266 38.04 6.61 7.90
C LEU A 266 39.48 7.06 7.73
N ALA A 267 39.82 8.28 8.17
CA ALA A 267 41.21 8.76 8.09
C ALA A 267 41.70 8.77 6.64
N LEU A 268 40.88 9.34 5.76
CA LEU A 268 41.08 9.25 4.32
C LEU A 268 41.21 10.65 3.72
N GLU A 269 42.24 10.83 2.90
CA GLU A 269 42.38 12.00 2.05
C GLU A 269 42.92 11.54 0.71
N LEU A 270 42.12 11.67 -0.34
CA LEU A 270 42.49 11.21 -1.67
C LEU A 270 42.00 12.20 -2.70
N ALA A 271 42.58 12.10 -3.90
CA ALA A 271 42.17 12.93 -5.01
C ALA A 271 40.95 12.32 -5.69
N ALA A 272 40.04 13.19 -6.13
CA ALA A 272 38.91 12.72 -6.93
C ALA A 272 39.43 12.09 -8.22
N GLY A 273 38.75 11.02 -8.65
CA GLY A 273 39.13 10.33 -9.85
C GLY A 273 40.09 9.17 -9.66
N THR A 274 40.51 8.88 -8.43
CA THR A 274 41.40 7.77 -8.16
C THR A 274 40.70 6.76 -7.25
N GLU A 275 40.88 5.48 -7.56
CA GLU A 275 40.29 4.39 -6.80
C GLU A 275 41.25 3.94 -5.72
N VAL A 276 40.73 3.75 -4.51
CA VAL A 276 41.53 3.30 -3.37
C VAL A 276 40.80 2.16 -2.68
N ARG A 277 41.54 1.46 -1.82
CA ARG A 277 41.04 0.29 -1.10
C ARG A 277 41.15 0.62 0.38
N VAL A 278 40.00 0.84 1.02
CA VAL A 278 39.95 1.14 2.44
C VAL A 278 40.13 -0.17 3.20
N PRO A 279 41.12 -0.29 4.08
CA PRO A 279 41.38 -1.60 4.71
C PRO A 279 40.17 -2.26 5.35
N ALA A 280 39.29 -1.48 5.99
CA ALA A 280 38.12 -2.06 6.65
C ALA A 280 37.03 -1.02 6.73
N VAL A 281 35.86 -1.34 6.17
CA VAL A 281 34.68 -0.50 6.26
C VAL A 281 33.53 -1.33 6.81
N GLU A 282 32.57 -0.65 7.43
CA GLU A 282 31.34 -1.29 7.85
C GLU A 282 30.31 -1.16 6.72
N PRO A 283 29.81 -2.25 6.16
CA PRO A 283 29.01 -2.16 4.93
C PRO A 283 27.63 -1.58 5.19
N TRP A 284 27.06 -1.02 4.12
CA TRP A 284 25.71 -0.45 4.17
C TRP A 284 24.67 -1.49 3.76
N SER A 285 23.57 -1.53 4.51
CA SER A 285 22.41 -2.32 4.14
C SER A 285 21.17 -1.68 4.72
N ALA A 286 20.01 -2.11 4.21
CA ALA A 286 18.75 -1.62 4.77
C ALA A 286 18.66 -1.93 6.26
N GLU A 287 19.24 -3.04 6.71
CA GLU A 287 19.21 -3.39 8.12
C GLU A 287 20.20 -2.55 8.93
N VAL A 288 21.39 -2.31 8.39
CA VAL A 288 22.43 -1.54 9.08
C VAL A 288 22.92 -0.47 8.11
N PRO A 289 22.21 0.65 7.96
CA PRO A 289 22.55 1.64 6.93
C PRO A 289 23.72 2.53 7.34
N LYS A 290 24.88 1.91 7.56
CA LYS A 290 26.09 2.65 7.89
C LYS A 290 26.39 3.67 6.81
N LEU A 291 26.59 4.92 7.21
CA LEU A 291 26.95 5.99 6.29
C LEU A 291 28.17 6.73 6.83
N TYR A 292 29.09 7.06 5.92
CA TYR A 292 30.30 7.81 6.26
C TYR A 292 30.18 9.21 5.68
N GLU A 293 30.37 10.22 6.53
CA GLU A 293 30.33 11.60 6.06
C GLU A 293 31.59 11.90 5.25
N ALA A 294 31.41 12.51 4.09
CA ALA A 294 32.52 12.86 3.22
C ALA A 294 32.26 14.21 2.57
N ALA A 295 33.34 14.83 2.10
CA ALA A 295 33.26 16.07 1.36
C ALA A 295 34.25 16.02 0.21
N VAL A 296 33.80 16.46 -0.96
CA VAL A 296 34.66 16.65 -2.12
C VAL A 296 34.64 18.14 -2.45
N SER A 297 35.83 18.74 -2.56
CA SER A 297 35.93 20.18 -2.63
C SER A 297 36.97 20.63 -3.64
N ALA A 298 36.62 21.67 -4.40
CA ALA A 298 37.55 22.42 -5.22
C ALA A 298 37.70 23.81 -4.61
N ALA A 299 38.43 24.68 -5.31
CA ALA A 299 38.75 25.99 -4.73
C ALA A 299 37.48 26.79 -4.43
N GLY A 300 36.51 26.78 -5.35
CA GLY A 300 35.35 27.62 -5.23
C GLY A 300 34.06 26.95 -4.81
N GLU A 301 34.09 25.68 -4.40
CA GLU A 301 32.85 24.98 -4.06
C GLU A 301 33.20 23.67 -3.38
N SER A 302 32.31 23.23 -2.49
CA SER A 302 32.49 21.98 -1.77
C SER A 302 31.14 21.26 -1.68
N VAL A 303 31.15 19.96 -1.94
CA VAL A 303 29.95 19.14 -1.92
C VAL A 303 30.05 18.17 -0.75
N ALA A 304 28.96 18.07 0.02
CA ALA A 304 28.88 17.17 1.17
C ALA A 304 28.12 15.92 0.77
N LEU A 305 28.71 14.76 1.03
CA LEU A 305 28.16 13.47 0.62
C LEU A 305 27.98 12.56 1.82
N GLN A 306 27.11 11.57 1.66
CA GLN A 306 26.98 10.45 2.58
C GLN A 306 27.27 9.18 1.81
N ILE A 307 28.30 8.45 2.22
CA ILE A 307 28.82 7.31 1.48
C ILE A 307 28.45 6.03 2.22
N GLY A 308 27.71 5.17 1.54
CA GLY A 308 27.44 3.82 2.04
C GLY A 308 28.14 2.78 1.19
N PHE A 309 29.05 2.03 1.78
CA PHE A 309 29.81 1.01 1.05
C PHE A 309 28.94 -0.23 0.88
N ARG A 310 28.55 -0.53 -0.36
CA ARG A 310 27.81 -1.75 -0.63
C ARG A 310 27.98 -2.10 -2.10
N SER A 311 28.07 -3.40 -2.38
CA SER A 311 28.19 -3.91 -3.74
C SER A 311 27.00 -4.83 -4.04
N ILE A 312 26.52 -4.75 -5.28
CA ILE A 312 25.34 -5.49 -5.72
C ILE A 312 25.78 -6.46 -6.82
N ALA A 313 25.33 -7.71 -6.72
CA ALA A 313 25.73 -8.71 -7.69
C ALA A 313 24.65 -9.77 -7.82
N ILE A 314 24.61 -10.40 -8.99
CA ILE A 314 23.71 -11.52 -9.27
C ILE A 314 24.59 -12.74 -9.53
N GLU A 315 24.42 -13.78 -8.71
CA GLU A 315 25.09 -15.05 -8.94
C GLU A 315 24.18 -16.17 -8.47
N ASP A 316 24.24 -17.29 -9.19
CA ASP A 316 23.40 -18.45 -8.89
C ASP A 316 21.93 -18.06 -8.84
N ALA A 317 21.51 -17.24 -9.80
CA ALA A 317 20.11 -16.83 -9.93
C ALA A 317 19.60 -16.19 -8.65
N GLN A 318 20.45 -15.38 -8.00
CA GLN A 318 20.11 -14.72 -6.75
C GLN A 318 20.58 -13.28 -6.77
N PHE A 319 19.71 -12.39 -6.27
CA PHE A 319 20.05 -10.98 -6.10
C PHE A 319 20.77 -10.82 -4.77
N LYS A 320 22.07 -10.51 -4.82
CA LYS A 320 22.90 -10.47 -3.62
C LYS A 320 23.45 -9.07 -3.39
N VAL A 321 23.46 -8.66 -2.12
CA VAL A 321 24.11 -7.44 -1.67
C VAL A 321 25.19 -7.83 -0.67
N ASN A 322 26.40 -7.32 -0.88
CA ASN A 322 27.51 -7.55 0.03
C ASN A 322 27.71 -9.05 0.29
N GLY A 323 27.52 -9.85 -0.75
CA GLY A 323 27.81 -11.27 -0.70
C GLY A 323 26.70 -12.16 -0.20
N ARG A 324 25.53 -11.61 0.16
CA ARG A 324 24.43 -12.39 0.70
C ARG A 324 23.14 -12.13 -0.08
N ARG A 325 22.39 -13.20 -0.34
CA ARG A 325 21.04 -13.03 -0.85
CA ARG A 325 21.04 -13.03 -0.85
C ARG A 325 20.19 -12.26 0.15
N ILE A 326 19.38 -11.33 -0.36
CA ILE A 326 18.51 -10.54 0.49
C ILE A 326 17.07 -10.85 0.15
N LEU A 327 16.18 -10.56 1.09
CA LEU A 327 14.74 -10.70 0.92
C LEU A 327 14.12 -9.30 0.94
N LEU A 328 13.48 -8.92 -0.16
CA LEU A 328 12.86 -7.61 -0.27
C LEU A 328 11.48 -7.65 0.37
N ARG A 329 11.28 -6.82 1.39
CA ARG A 329 10.00 -6.65 2.08
C ARG A 329 9.49 -5.26 1.69
N GLY A 330 8.84 -5.17 0.53
CA GLY A 330 8.68 -3.91 -0.16
C GLY A 330 7.25 -3.39 -0.27
N VAL A 331 7.18 -2.12 -0.65
CA VAL A 331 5.93 -1.46 -1.02
C VAL A 331 6.21 -0.56 -2.22
N ASN A 332 5.16 -0.29 -3.00
CA ASN A 332 5.22 0.70 -4.07
C ASN A 332 4.77 2.04 -3.50
N ARG A 333 5.66 3.04 -3.56
CA ARG A 333 5.41 4.35 -2.97
C ARG A 333 5.13 5.35 -4.08
N HIS A 334 3.90 5.81 -4.18
CA HIS A 334 3.57 7.01 -4.93
C HIS A 334 3.77 8.24 -4.04
N GLU A 335 3.82 9.40 -4.68
CA GLU A 335 3.89 10.67 -3.97
C GLU A 335 2.53 11.34 -4.09
N HIS A 336 1.82 11.42 -2.97
CA HIS A 336 0.48 11.99 -2.96
C HIS A 336 0.18 12.55 -1.58
N HIS A 337 -0.63 13.61 -1.56
CA HIS A 337 -1.06 14.25 -0.33
C HIS A 337 -2.54 14.58 -0.52
N PRO A 338 -3.40 14.29 0.46
CA PRO A 338 -4.85 14.45 0.25
C PRO A 338 -5.30 15.88 0.01
N ARG A 339 -4.45 16.87 0.27
CA ARG A 339 -4.82 18.27 0.09
C ARG A 339 -3.85 19.07 -0.77
N LEU A 340 -2.66 18.53 -1.06
CA LEU A 340 -1.66 19.23 -1.86
C LEU A 340 -1.30 18.47 -3.12
N GLY A 341 -1.90 17.33 -3.39
CA GLY A 341 -1.65 16.63 -4.64
C GLY A 341 -0.28 15.97 -4.64
N ARG A 342 0.49 16.25 -5.67
CA ARG A 342 1.83 15.67 -5.80
C ARG A 342 2.85 16.32 -4.88
N VAL A 343 2.47 17.34 -4.12
CA VAL A 343 3.37 18.00 -3.19
C VAL A 343 3.26 17.28 -1.85
N VAL A 344 4.30 16.55 -1.47
CA VAL A 344 4.34 15.83 -0.20
C VAL A 344 5.28 16.60 0.73
N PRO A 345 4.76 17.29 1.75
CA PRO A 345 5.65 18.01 2.67
C PRO A 345 6.69 17.10 3.29
N ARG A 346 7.85 17.67 3.62
CA ARG A 346 8.97 16.88 4.11
C ARG A 346 8.62 16.15 5.39
N ASP A 347 7.88 16.79 6.30
CA ASP A 347 7.53 16.12 7.55
C ASP A 347 6.61 14.93 7.31
N VAL A 348 5.83 14.96 6.22
CA VAL A 348 5.03 13.80 5.86
C VAL A 348 5.91 12.68 5.33
N VAL A 349 6.91 13.03 4.51
CA VAL A 349 7.84 12.02 3.99
C VAL A 349 8.56 11.32 5.15
N GLU A 350 9.10 12.11 6.08
CA GLU A 350 9.82 11.51 7.21
C GLU A 350 8.88 10.62 8.04
N ALA A 351 7.66 11.09 8.29
CA ALA A 351 6.72 10.32 9.09
C ALA A 351 6.39 8.99 8.42
N GLU A 352 6.05 9.03 7.13
CA GLU A 352 5.63 7.80 6.45
C GLU A 352 6.79 6.81 6.31
N LEU A 353 8.02 7.30 6.10
CA LEU A 353 9.15 6.38 6.04
C LEU A 353 9.42 5.75 7.41
N ARG A 354 9.28 6.53 8.48
CA ARG A 354 9.33 5.96 9.82
C ARG A 354 8.24 4.90 10.01
N LEU A 355 7.04 5.20 9.53
CA LEU A 355 5.93 4.25 9.67
C LEU A 355 6.21 2.95 8.91
N MET A 356 6.83 3.06 7.73
CA MET A 356 7.22 1.86 6.99
C MET A 356 8.16 1.00 7.82
N LYS A 357 9.24 1.59 8.33
CA LYS A 357 10.18 0.85 9.17
C LYS A 357 9.48 0.23 10.36
N GLN A 358 8.56 0.97 10.98
CA GLN A 358 7.82 0.46 12.12
C GLN A 358 6.95 -0.74 11.76
N HIS A 359 6.75 -1.02 10.47
CA HIS A 359 6.01 -2.19 10.04
C HIS A 359 6.90 -3.17 9.26
N ASN A 360 8.20 -3.14 9.54
CA ASN A 360 9.18 -4.10 9.07
C ASN A 360 9.43 -4.03 7.57
N ILE A 361 9.01 -2.95 6.91
CA ILE A 361 9.31 -2.76 5.49
C ILE A 361 10.79 -2.40 5.33
N ASN A 362 11.43 -2.99 4.30
CA ASN A 362 12.85 -2.73 4.06
C ASN A 362 13.14 -2.34 2.61
N ALA A 363 12.12 -2.12 1.79
CA ALA A 363 12.33 -1.86 0.37
C ALA A 363 11.20 -0.99 -0.18
N ILE A 364 11.55 -0.17 -1.15
CA ILE A 364 10.61 0.79 -1.75
C ILE A 364 10.85 0.84 -3.25
N ARG A 365 9.78 0.78 -4.03
CA ARG A 365 9.80 1.03 -5.46
C ARG A 365 9.15 2.38 -5.72
N THR A 366 9.87 3.28 -6.39
CA THR A 366 9.38 4.64 -6.63
C THR A 366 8.43 4.60 -7.83
N SER A 367 7.25 4.05 -7.59
CA SER A 367 6.25 3.88 -8.64
C SER A 367 5.64 5.23 -8.99
N HIS A 368 5.63 5.61 -10.28
CA HIS A 368 6.44 5.04 -11.36
C HIS A 368 7.24 6.19 -11.98
N TYR A 369 8.11 6.77 -11.18
CA TYR A 369 8.86 7.97 -11.52
C TYR A 369 9.83 8.26 -10.39
N PRO A 370 10.87 9.05 -10.61
CA PRO A 370 11.76 9.42 -9.51
C PRO A 370 11.03 10.26 -8.49
N PRO A 371 11.28 10.07 -7.20
CA PRO A 371 10.61 10.86 -6.17
C PRO A 371 11.25 12.24 -6.03
N HIS A 372 10.73 13.01 -5.10
CA HIS A 372 11.38 14.25 -4.72
C HIS A 372 12.85 13.98 -4.41
N PRO A 373 13.78 14.84 -4.84
CA PRO A 373 15.21 14.52 -4.64
C PRO A 373 15.58 14.34 -3.17
N GLN A 374 14.88 14.99 -2.25
CA GLN A 374 15.17 14.82 -0.83
C GLN A 374 14.90 13.40 -0.35
N PHE A 375 14.11 12.62 -1.08
CA PHE A 375 13.77 11.26 -0.64
C PHE A 375 15.01 10.38 -0.55
N LEU A 376 15.99 10.59 -1.42
CA LEU A 376 17.10 9.65 -1.54
C LEU A 376 17.95 9.62 -0.28
N ALA A 377 18.24 10.78 0.30
CA ALA A 377 19.05 10.81 1.51
C ALA A 377 18.32 10.18 2.69
N LEU A 378 16.99 10.34 2.76
CA LEU A 378 16.22 9.70 3.82
C LEU A 378 16.26 8.19 3.68
N ALA A 379 16.17 7.68 2.45
CA ALA A 379 16.26 6.24 2.24
C ALA A 379 17.64 5.72 2.62
N ASP A 380 18.69 6.49 2.30
CA ASP A 380 20.05 6.11 2.70
C ASP A 380 20.16 6.00 4.21
N GLN A 381 19.57 6.96 4.93
CA GLN A 381 19.78 7.06 6.38
C GLN A 381 18.93 6.06 7.14
N LEU A 382 17.64 5.94 6.81
CA LEU A 382 16.76 5.03 7.54
C LEU A 382 16.98 3.57 7.13
N GLY A 383 17.32 3.33 5.87
CA GLY A 383 17.65 1.99 5.42
C GLY A 383 16.56 1.33 4.61
N PHE A 384 16.56 1.58 3.31
CA PHE A 384 15.66 0.91 2.38
C PHE A 384 16.42 0.50 1.13
N TYR A 385 16.10 -0.68 0.61
CA TYR A 385 16.52 -1.05 -0.74
C TYR A 385 15.55 -0.42 -1.73
N VAL A 386 16.07 0.46 -2.59
CA VAL A 386 15.23 1.30 -3.44
C VAL A 386 15.38 0.85 -4.88
N VAL A 387 14.25 0.53 -5.51
CA VAL A 387 14.15 0.43 -6.96
C VAL A 387 13.76 1.81 -7.46
N LEU A 388 14.70 2.52 -8.07
CA LEU A 388 14.41 3.87 -8.56
C LEU A 388 13.99 3.78 -10.02
N GLU A 389 12.81 4.30 -10.31
CA GLU A 389 12.13 4.04 -11.57
C GLU A 389 12.00 5.31 -12.39
N CYS A 390 12.28 5.20 -13.68
CA CYS A 390 12.19 6.31 -14.60
C CYS A 390 10.73 6.70 -14.84
N ASP A 391 10.53 7.97 -15.20
CA ASP A 391 9.20 8.50 -15.47
C ASP A 391 8.79 8.11 -16.89
N LEU A 392 8.15 6.95 -17.02
CA LEU A 392 7.75 6.42 -18.32
C LEU A 392 6.66 5.38 -18.15
N GLU A 393 5.50 5.62 -18.75
CA GLU A 393 4.43 4.62 -18.79
C GLU A 393 3.50 4.97 -19.94
N THR A 394 3.30 4.01 -20.85
CA THR A 394 2.44 4.17 -22.01
C THR A 394 1.28 3.18 -21.96
N HIS A 395 0.77 2.94 -20.75
CA HIS A 395 -0.21 1.88 -20.53
C HIS A 395 -1.40 1.99 -21.48
N GLY A 396 -1.88 3.22 -21.72
CA GLY A 396 -3.09 3.43 -22.51
C GLY A 396 -3.00 2.96 -23.95
N PHE A 397 -1.80 2.61 -24.44
CA PHE A 397 -1.69 2.09 -25.79
C PHE A 397 -1.97 0.59 -25.87
N GLU A 398 -2.02 -0.11 -24.74
CA GLU A 398 -2.22 -1.56 -24.76
C GLU A 398 -3.53 -1.93 -25.44
N SER A 399 -4.62 -1.23 -25.09
CA SER A 399 -5.94 -1.61 -25.58
C SER A 399 -6.04 -1.58 -27.10
N ALA A 400 -5.09 -0.92 -27.78
CA ALA A 400 -5.07 -0.87 -29.23
C ALA A 400 -4.00 -1.79 -29.82
N GLY A 401 -3.66 -2.86 -29.12
CA GLY A 401 -2.59 -3.74 -29.57
C GLY A 401 -1.23 -3.09 -29.57
N TRP A 402 -1.03 -2.07 -28.74
CA TRP A 402 0.22 -1.30 -28.63
C TRP A 402 0.54 -0.52 -29.89
N ALA A 403 -0.39 -0.40 -30.83
CA ALA A 403 -0.17 0.44 -32.00
C ALA A 403 0.18 1.85 -31.57
N GLN A 404 1.21 2.41 -32.21
CA GLN A 404 1.69 3.78 -31.97
C GLN A 404 2.38 3.93 -30.62
N ASN A 405 2.74 2.83 -29.96
CA ASN A 405 3.40 2.90 -28.67
C ASN A 405 4.70 3.71 -28.77
N PRO A 406 4.84 4.81 -28.03
CA PRO A 406 6.11 5.56 -28.08
C PRO A 406 7.35 4.72 -27.76
N SER A 407 7.20 3.63 -27.03
CA SER A 407 8.37 2.83 -26.64
C SER A 407 9.06 2.17 -27.82
N ASP A 408 8.37 2.03 -28.95
CA ASP A 408 8.93 1.43 -30.15
C ASP A 408 8.86 2.36 -31.35
N ASP A 409 8.61 3.65 -31.13
CA ASP A 409 8.55 4.64 -32.19
C ASP A 409 9.89 5.36 -32.28
N PRO A 410 10.66 5.21 -33.35
CA PRO A 410 11.98 5.87 -33.41
C PRO A 410 11.94 7.37 -33.14
N GLN A 411 10.82 8.04 -33.41
CA GLN A 411 10.75 9.48 -33.19
C GLN A 411 10.82 9.85 -31.72
N TRP A 412 10.57 8.90 -30.81
CA TRP A 412 10.57 9.17 -29.38
C TRP A 412 11.87 8.76 -28.69
N GLU A 413 12.86 8.27 -29.43
CA GLU A 413 14.07 7.74 -28.80
C GLU A 413 14.77 8.81 -27.96
N ASP A 414 15.04 9.97 -28.55
CA ASP A 414 15.75 11.02 -27.82
C ASP A 414 15.00 11.41 -26.57
N ALA A 415 13.67 11.52 -26.65
CA ALA A 415 12.89 11.92 -25.47
C ALA A 415 12.99 10.88 -24.36
N LEU A 416 12.97 9.59 -24.71
CA LEU A 416 12.98 8.54 -23.70
C LEU A 416 14.37 8.32 -23.13
N VAL A 417 15.42 8.37 -23.97
CA VAL A 417 16.78 8.32 -23.44
C VAL A 417 17.02 9.48 -22.49
N ASP A 418 16.53 10.67 -22.84
CA ASP A 418 16.67 11.83 -21.95
C ASP A 418 16.04 11.56 -20.59
N ARG A 419 14.84 10.96 -20.59
CA ARG A 419 14.18 10.64 -19.33
C ARG A 419 15.05 9.73 -18.49
N MET A 420 15.59 8.67 -19.08
CA MET A 420 16.43 7.75 -18.32
C MET A 420 17.70 8.44 -17.85
N ARG A 421 18.35 9.22 -18.71
CA ARG A 421 19.58 9.91 -18.33
C ARG A 421 19.34 10.81 -17.12
N ARG A 422 18.30 11.66 -17.18
CA ARG A 422 18.02 12.53 -16.05
C ARG A 422 17.70 11.72 -14.80
N THR A 423 16.99 10.60 -14.96
CA THR A 423 16.71 9.73 -13.81
C THR A 423 18.00 9.23 -13.19
N VAL A 424 18.89 8.67 -14.01
CA VAL A 424 20.11 8.06 -13.48
C VAL A 424 21.04 9.13 -12.88
N GLU A 425 21.26 10.22 -13.62
CA GLU A 425 22.25 11.19 -13.18
C GLU A 425 21.89 11.79 -11.82
N ARG A 426 20.61 12.01 -11.56
CA ARG A 426 20.22 12.74 -10.36
C ARG A 426 20.53 11.96 -9.09
N ASP A 427 20.32 10.65 -9.09
CA ASP A 427 20.35 9.84 -7.88
C ASP A 427 21.47 8.82 -7.85
N LYS A 428 22.41 8.88 -8.79
CA LYS A 428 23.43 7.84 -8.94
C LYS A 428 24.37 7.70 -7.74
N ASN A 429 24.34 8.62 -6.77
CA ASN A 429 25.30 8.61 -5.67
C ASN A 429 24.78 7.96 -4.40
N HIS A 430 23.57 7.40 -4.40
CA HIS A 430 22.93 6.97 -3.16
C HIS A 430 22.95 5.44 -3.05
N ALA A 431 23.50 4.96 -1.93
CA ALA A 431 23.63 3.53 -1.71
C ALA A 431 22.28 2.83 -1.65
N SER A 432 21.22 3.55 -1.26
CA SER A 432 19.90 2.93 -1.15
C SER A 432 19.34 2.48 -2.50
N VAL A 433 19.79 3.08 -3.60
CA VAL A 433 19.33 2.68 -4.93
C VAL A 433 20.09 1.42 -5.32
N VAL A 434 19.40 0.28 -5.35
CA VAL A 434 20.02 -0.98 -5.71
C VAL A 434 19.59 -1.49 -7.08
N MET A 435 18.61 -0.83 -7.72
CA MET A 435 18.19 -1.19 -9.07
C MET A 435 17.70 0.07 -9.77
N TRP A 436 17.98 0.16 -11.06
CA TRP A 436 17.33 1.14 -11.93
C TRP A 436 16.20 0.46 -12.69
N SER A 437 15.05 1.12 -12.76
CA SER A 437 13.91 0.63 -13.54
C SER A 437 13.63 1.56 -14.71
N LEU A 438 13.42 0.96 -15.89
CA LEU A 438 13.22 1.74 -17.11
C LEU A 438 11.88 2.44 -17.16
N GLY A 439 10.91 2.00 -16.37
CA GLY A 439 9.57 2.53 -16.44
C GLY A 439 8.57 1.47 -15.98
N ASN A 440 7.33 1.62 -16.44
CA ASN A 440 6.26 0.73 -16.02
C ASN A 440 5.18 0.67 -17.09
N GLN A 441 4.74 -0.54 -17.42
CA GLN A 441 3.62 -0.75 -18.35
C GLN A 441 3.80 0.11 -19.60
N ALA A 442 4.97 -0.02 -20.22
CA ALA A 442 5.30 0.72 -21.44
C ALA A 442 5.46 -0.22 -22.63
N GLY A 443 4.99 -1.46 -22.51
CA GLY A 443 5.13 -2.43 -23.57
C GLY A 443 6.58 -2.83 -23.79
N THR A 444 6.88 -3.20 -25.02
CA THR A 444 8.23 -3.54 -25.44
C THR A 444 8.57 -2.73 -26.68
N GLY A 445 9.85 -2.38 -26.84
CA GLY A 445 10.23 -1.63 -28.01
C GLY A 445 11.69 -1.20 -27.98
N ARG A 446 12.09 -0.60 -29.11
CA ARG A 446 13.48 -0.26 -29.35
C ARG A 446 13.97 0.82 -28.39
N ASN A 447 13.10 1.77 -28.05
CA ASN A 447 13.52 2.86 -27.17
C ASN A 447 13.79 2.38 -25.75
N LEU A 448 13.05 1.36 -25.30
CA LEU A 448 13.35 0.75 -24.00
C LEU A 448 14.71 0.08 -24.02
N ALA A 449 15.04 -0.60 -25.12
CA ALA A 449 16.37 -1.20 -25.25
C ALA A 449 17.45 -0.13 -25.26
N ALA A 450 17.17 1.01 -25.89
CA ALA A 450 18.13 2.10 -25.91
C ALA A 450 18.31 2.70 -24.52
N MET A 451 17.24 2.74 -23.73
CA MET A 451 17.36 3.23 -22.35
C MET A 451 18.19 2.27 -21.51
N SER A 452 17.98 0.96 -21.68
CA SER A 452 18.78 -0.02 -20.94
C SER A 452 20.24 0.06 -21.33
N ARG A 453 20.52 0.12 -22.64
CA ARG A 453 21.91 0.18 -23.10
C ARG A 453 22.63 1.40 -22.55
N TRP A 454 21.95 2.55 -22.57
CA TRP A 454 22.56 3.76 -22.01
C TRP A 454 22.87 3.59 -20.54
N THR A 455 21.94 2.99 -19.79
CA THR A 455 22.11 2.84 -18.34
C THR A 455 23.22 1.86 -18.01
N LYS A 456 23.27 0.72 -18.71
CA LYS A 456 24.32 -0.25 -18.44
C LYS A 456 25.69 0.35 -18.66
N ASP A 457 25.86 1.12 -19.74
CA ASP A 457 27.14 1.76 -20.02
C ASP A 457 27.46 2.82 -18.97
N ARG A 458 26.45 3.55 -18.50
CA ARG A 458 26.69 4.66 -17.59
C ARG A 458 26.97 4.19 -16.17
N ASP A 459 26.13 3.28 -15.66
CA ASP A 459 26.24 2.81 -14.28
C ASP A 459 26.09 1.30 -14.25
N PRO A 460 27.18 0.56 -14.46
CA PRO A 460 27.11 -0.90 -14.37
C PRO A 460 26.99 -1.44 -12.96
N SER A 461 27.03 -0.60 -11.93
CA SER A 461 27.01 -1.07 -10.54
C SER A 461 25.61 -1.41 -10.04
N ARG A 462 24.55 -1.17 -10.83
CA ARG A 462 23.19 -1.42 -10.40
C ARG A 462 22.45 -2.24 -11.46
N PRO A 463 21.82 -3.35 -11.11
CA PRO A 463 21.04 -4.11 -12.10
C PRO A 463 19.87 -3.32 -12.66
N ILE A 464 19.47 -3.69 -13.88
CA ILE A 464 18.36 -3.06 -14.59
C ILE A 464 17.08 -3.85 -14.34
N HIS A 465 15.97 -3.13 -14.14
CA HIS A 465 14.67 -3.73 -13.93
C HIS A 465 13.68 -3.17 -14.95
N TYR A 466 12.83 -4.06 -15.49
CA TYR A 466 11.66 -3.64 -16.26
C TYR A 466 10.73 -4.83 -16.49
N GLU A 467 9.48 -4.70 -16.04
CA GLU A 467 8.54 -5.82 -16.09
C GLU A 467 7.87 -5.98 -17.46
N GLY A 468 7.78 -4.90 -18.23
CA GLY A 468 6.94 -4.92 -19.43
C GLY A 468 7.34 -5.94 -20.47
N ASP A 469 8.63 -6.29 -20.52
CA ASP A 469 9.15 -7.26 -21.50
C ASP A 469 9.46 -8.55 -20.76
N TRP A 470 8.52 -9.51 -20.82
CA TRP A 470 8.67 -10.74 -20.06
C TRP A 470 9.85 -11.57 -20.54
N SER A 471 10.21 -11.47 -21.81
CA SER A 471 11.43 -12.14 -22.28
C SER A 471 12.67 -11.66 -21.53
N SER A 472 12.61 -10.48 -20.91
CA SER A 472 13.70 -9.97 -20.07
C SER A 472 14.99 -9.75 -20.87
N GLU A 473 14.85 -9.38 -22.15
CA GLU A 473 16.02 -9.32 -23.02
C GLU A 473 17.02 -8.24 -22.60
N HIS A 474 16.53 -7.14 -22.02
CA HIS A 474 17.37 -5.97 -21.75
C HIS A 474 17.39 -5.62 -20.27
N VAL A 475 17.18 -6.61 -19.41
CA VAL A 475 17.18 -6.41 -17.97
C VAL A 475 18.09 -7.45 -17.33
N ASP A 476 18.32 -7.28 -16.03
CA ASP A 476 19.18 -8.18 -15.28
C ASP A 476 18.43 -9.01 -14.24
N VAL A 477 17.17 -8.67 -13.94
CA VAL A 477 16.31 -9.48 -13.10
C VAL A 477 15.03 -9.76 -13.86
N TYR A 478 14.41 -10.90 -13.54
CA TYR A 478 13.10 -11.26 -14.06
C TYR A 478 12.04 -10.69 -13.13
N SER A 479 11.21 -9.78 -13.65
CA SER A 479 10.19 -9.12 -12.85
C SER A 479 8.79 -9.42 -13.41
N ARG A 480 7.86 -9.68 -12.50
CA ARG A 480 6.46 -9.85 -12.85
C ARG A 480 5.60 -9.14 -11.82
N MET A 481 4.34 -8.90 -12.18
CA MET A 481 3.38 -8.31 -11.26
C MET A 481 2.17 -9.24 -11.14
N TYR A 482 1.78 -9.53 -9.90
CA TYR A 482 0.56 -10.27 -9.57
C TYR A 482 0.56 -11.70 -10.12
N ALA A 483 1.72 -12.27 -10.39
CA ALA A 483 1.77 -13.69 -10.68
C ALA A 483 1.17 -14.47 -9.52
N SER A 484 0.42 -15.51 -9.83
CA SER A 484 -0.24 -16.27 -8.79
C SER A 484 0.78 -16.90 -7.86
N GLN A 485 0.32 -17.25 -6.65
CA GLN A 485 1.17 -18.01 -5.73
C GLN A 485 1.69 -19.28 -6.41
N ALA A 486 0.84 -19.91 -7.23
CA ALA A 486 1.24 -21.16 -7.89
C ALA A 486 2.38 -20.91 -8.88
N GLU A 487 2.23 -19.93 -9.77
CA GLU A 487 3.28 -19.67 -10.74
C GLU A 487 4.55 -19.21 -10.08
N THR A 488 4.44 -18.45 -8.98
CA THR A 488 5.64 -18.03 -8.24
C THR A 488 6.40 -19.25 -7.73
N ALA A 489 5.68 -20.29 -7.29
CA ALA A 489 6.34 -21.49 -6.80
C ALA A 489 7.09 -22.21 -7.91
N LEU A 490 6.53 -22.23 -9.11
CA LEU A 490 7.23 -22.83 -10.24
C LEU A 490 8.47 -22.01 -10.61
N ILE A 491 8.36 -20.69 -10.60
CA ILE A 491 9.52 -19.85 -10.89
C ILE A 491 10.57 -20.04 -9.81
N GLY A 492 10.16 -20.12 -8.54
CA GLY A 492 11.10 -20.34 -7.47
C GLY A 492 11.91 -21.61 -7.65
N GLN A 493 11.34 -22.61 -8.31
CA GLN A 493 12.00 -23.89 -8.56
C GLN A 493 12.73 -23.92 -9.89
N GLY A 494 12.65 -22.85 -10.68
CA GLY A 494 13.31 -22.82 -11.97
C GLY A 494 12.69 -23.70 -13.02
N ILE A 495 11.41 -24.01 -12.89
CA ILE A 495 10.72 -24.92 -13.80
C ILE A 495 9.56 -24.23 -14.51
N GLU A 496 9.59 -22.91 -14.61
CA GLU A 496 8.57 -22.22 -15.38
C GLU A 496 8.71 -22.60 -16.86
N PRO A 497 7.67 -22.38 -17.66
CA PRO A 497 7.78 -22.73 -19.08
C PRO A 497 8.82 -21.89 -19.79
N ALA A 498 9.48 -22.50 -20.77
CA ALA A 498 10.61 -21.88 -21.43
C ALA A 498 10.17 -20.85 -22.47
N LEU A 499 11.06 -19.89 -22.72
CA LEU A 499 10.86 -18.97 -23.82
C LEU A 499 11.16 -19.65 -25.15
N ASN A 500 10.48 -19.20 -26.20
CA ASN A 500 10.68 -19.79 -27.52
C ASN A 500 12.13 -19.62 -27.98
N ASP A 501 12.81 -18.58 -27.52
CA ASP A 501 14.21 -18.34 -27.87
C ASP A 501 15.09 -19.00 -26.81
N ALA A 502 15.90 -19.97 -27.24
CA ALA A 502 16.75 -20.70 -26.29
C ALA A 502 17.74 -19.75 -25.61
N ALA A 503 18.37 -18.87 -26.38
CA ALA A 503 19.35 -17.96 -25.80
C ALA A 503 18.72 -17.09 -24.72
N LEU A 504 17.55 -16.51 -25.00
CA LEU A 504 16.90 -15.67 -24.01
C LEU A 504 16.42 -16.47 -22.81
N ASP A 505 15.94 -17.70 -23.04
CA ASP A 505 15.50 -18.53 -21.93
C ASP A 505 16.66 -18.83 -20.99
N ALA A 506 17.80 -19.24 -21.54
CA ALA A 506 18.99 -19.47 -20.73
C ALA A 506 19.33 -18.24 -19.90
N ARG A 507 19.22 -17.05 -20.49
CA ARG A 507 19.49 -15.83 -19.72
C ARG A 507 18.47 -15.65 -18.60
N ARG A 508 17.18 -15.74 -18.91
CA ARG A 508 16.16 -15.43 -17.91
C ARG A 508 16.18 -16.45 -16.78
N ARG A 509 16.44 -17.72 -17.09
CA ARG A 509 16.49 -18.73 -16.03
C ARG A 509 17.65 -18.48 -15.07
N ALA A 510 18.71 -17.81 -15.54
CA ALA A 510 19.82 -17.46 -14.67
C ALA A 510 19.58 -16.20 -13.86
N MET A 511 18.38 -15.57 -13.99
CA MET A 511 18.08 -14.35 -13.27
C MET A 511 17.30 -14.65 -11.99
N PRO A 512 17.50 -13.89 -10.93
CA PRO A 512 16.58 -13.94 -9.80
C PRO A 512 15.26 -13.27 -10.15
N PHE A 513 14.22 -13.60 -9.37
CA PHE A 513 12.86 -13.22 -9.69
C PHE A 513 12.29 -12.30 -8.61
N VAL A 514 11.65 -11.22 -9.05
CA VAL A 514 11.05 -10.24 -8.13
C VAL A 514 9.62 -9.96 -8.57
N LEU A 515 8.72 -9.84 -7.60
CA LEU A 515 7.36 -9.35 -7.84
C LEU A 515 7.35 -7.86 -7.59
N CYS A 516 7.40 -7.06 -8.67
CA CYS A 516 7.42 -5.61 -8.48
C CYS A 516 6.09 -5.09 -7.97
N GLU A 517 5.01 -5.85 -8.13
CA GLU A 517 3.72 -5.53 -7.54
C GLU A 517 3.01 -6.84 -7.24
N TYR A 518 2.44 -6.96 -6.04
CA TYR A 518 1.69 -8.16 -5.70
C TYR A 518 0.78 -7.86 -4.51
N VAL A 519 -0.07 -8.84 -4.19
CA VAL A 519 -1.12 -8.74 -3.17
C VAL A 519 -1.75 -7.36 -3.15
N HIS A 520 -2.37 -6.97 -4.27
CA HIS A 520 -3.10 -5.71 -4.40
C HIS A 520 -3.94 -5.44 -3.16
N ALA A 521 -3.67 -4.31 -2.50
CA ALA A 521 -4.19 -4.01 -1.17
C ALA A 521 -5.42 -3.11 -1.21
N MET A 522 -6.34 -3.34 -2.14
CA MET A 522 -7.53 -2.52 -2.28
C MET A 522 -8.63 -3.03 -1.35
N GLY A 523 -9.14 -2.15 -0.50
CA GLY A 523 -10.27 -2.44 0.37
C GLY A 523 -9.96 -3.54 1.36
N ASN A 524 -10.99 -4.34 1.67
CA ASN A 524 -10.86 -5.46 2.59
C ASN A 524 -9.85 -6.46 2.03
N GLY A 525 -8.72 -6.61 2.71
CA GLY A 525 -7.62 -7.40 2.21
C GLY A 525 -6.28 -6.73 2.51
N PRO A 526 -5.20 -7.20 1.87
CA PRO A 526 -5.16 -8.29 0.89
C PRO A 526 -5.09 -9.68 1.52
N GLY A 527 -5.68 -10.67 0.85
CA GLY A 527 -5.59 -12.05 1.27
C GLY A 527 -4.49 -12.78 0.52
N GLY A 528 -4.07 -13.90 1.09
CA GLY A 528 -3.06 -14.73 0.46
C GLY A 528 -1.64 -14.23 0.59
N MET A 529 -1.37 -13.35 1.56
CA MET A 529 -0.01 -12.85 1.75
C MET A 529 0.89 -13.94 2.32
N SER A 530 0.35 -14.80 3.19
CA SER A 530 1.17 -15.81 3.83
C SER A 530 1.71 -16.81 2.83
N GLU A 531 0.90 -17.14 1.81
CA GLU A 531 1.32 -18.15 0.84
C GLU A 531 2.49 -17.66 -0.01
N TYR A 532 2.46 -16.39 -0.42
CA TYR A 532 3.64 -15.81 -1.09
C TYR A 532 4.86 -15.87 -0.17
N GLN A 533 4.69 -15.43 1.09
CA GLN A 533 5.83 -15.28 1.97
C GLN A 533 6.53 -16.62 2.21
N ALA A 534 5.77 -17.70 2.39
CA ALA A 534 6.39 -19.01 2.57
C ALA A 534 7.26 -19.36 1.37
N LEU A 535 6.82 -19.00 0.17
CA LEU A 535 7.63 -19.25 -1.01
C LEU A 535 8.89 -18.38 -0.99
N PHE A 536 8.76 -17.11 -0.61
CA PHE A 536 9.93 -16.23 -0.53
C PHE A 536 10.98 -16.82 0.40
N GLU A 537 10.57 -17.34 1.55
CA GLU A 537 11.52 -17.91 2.49
C GLU A 537 12.10 -19.23 2.00
N LYS A 538 11.38 -19.93 1.12
CA LYS A 538 11.77 -21.29 0.71
C LYS A 538 12.73 -21.30 -0.48
N TYR A 539 12.57 -20.38 -1.42
CA TYR A 539 13.29 -20.46 -2.69
C TYR A 539 14.25 -19.28 -2.86
N PRO A 540 15.57 -19.50 -2.83
CA PRO A 540 16.51 -18.37 -2.95
C PRO A 540 16.31 -17.52 -4.20
N ARG A 541 15.90 -18.11 -5.33
CA ARG A 541 15.75 -17.32 -6.54
C ARG A 541 14.72 -16.20 -6.35
N LEU A 542 13.73 -16.41 -5.48
CA LEU A 542 12.71 -15.41 -5.24
C LEU A 542 13.29 -14.28 -4.40
N MET A 543 13.28 -13.06 -4.94
CA MET A 543 13.85 -11.90 -4.28
C MET A 543 12.90 -11.27 -3.26
N GLY A 544 11.63 -11.63 -3.30
CA GLY A 544 10.60 -10.95 -2.53
C GLY A 544 9.60 -10.26 -3.41
N GLY A 545 8.96 -9.24 -2.82
CA GLY A 545 7.92 -8.52 -3.54
C GLY A 545 7.60 -7.18 -2.93
N PHE A 546 6.97 -6.34 -3.73
CA PHE A 546 6.54 -5.01 -3.34
C PHE A 546 5.02 -4.94 -3.41
N VAL A 547 4.39 -4.67 -2.26
CA VAL A 547 2.94 -4.57 -2.22
C VAL A 547 2.47 -3.39 -3.06
N TRP A 548 1.36 -3.57 -3.77
CA TRP A 548 0.67 -2.45 -4.41
C TRP A 548 -0.57 -2.11 -3.59
N GLU A 549 -0.61 -0.91 -3.00
CA GLU A 549 0.48 0.06 -2.92
C GLU A 549 0.53 0.61 -1.51
N TRP A 550 1.49 1.49 -1.26
CA TRP A 550 1.70 2.00 0.08
C TRP A 550 0.50 2.80 0.57
N LEU A 551 0.01 3.74 -0.26
CA LEU A 551 -1.00 4.69 0.18
C LEU A 551 -2.20 4.72 -0.75
N GLU A 552 -3.34 5.09 -0.18
CA GLU A 552 -4.51 5.47 -0.97
C GLU A 552 -4.39 6.92 -1.41
N HIS A 553 -4.73 7.18 -2.67
CA HIS A 553 -4.69 8.55 -3.18
C HIS A 553 -5.99 9.30 -2.90
N GLY A 554 -6.56 9.16 -1.72
CA GLY A 554 -7.78 9.88 -1.40
C GLY A 554 -7.52 11.38 -1.36
N ILE A 555 -8.47 12.14 -1.93
CA ILE A 555 -8.45 13.59 -1.90
C ILE A 555 -9.53 14.05 -0.93
N THR A 556 -9.15 14.89 0.03
CA THR A 556 -10.08 15.32 1.06
C THR A 556 -11.18 16.21 0.48
N VAL A 557 -12.41 15.94 0.89
CA VAL A 557 -13.56 16.71 0.49
C VAL A 557 -14.40 17.00 1.72
N SER A 558 -14.89 18.24 1.84
CA SER A 558 -15.70 18.67 2.96
C SER A 558 -17.09 19.05 2.49
N THR A 559 -18.01 19.16 3.44
CA THR A 559 -19.38 19.59 3.19
C THR A 559 -19.72 20.75 4.10
N ALA A 560 -20.84 21.41 3.80
CA ALA A 560 -21.33 22.47 4.69
C ALA A 560 -21.47 21.96 6.12
N ASP A 561 -21.74 20.66 6.28
CA ASP A 561 -21.76 20.07 7.61
C ASP A 561 -20.40 20.12 8.28
N GLY A 562 -19.33 20.30 7.50
CA GLY A 562 -17.98 20.22 8.02
C GLY A 562 -17.42 18.82 8.09
N VAL A 563 -18.17 17.81 7.66
CA VAL A 563 -17.72 16.43 7.73
C VAL A 563 -16.71 16.16 6.63
N ASP A 564 -15.62 15.49 6.98
CA ASP A 564 -14.54 15.20 6.04
C ASP A 564 -14.63 13.76 5.55
N HIS A 565 -14.45 13.58 4.25
CA HIS A 565 -14.36 12.26 3.64
C HIS A 565 -13.46 12.35 2.42
N TYR A 566 -12.88 11.22 2.05
CA TYR A 566 -12.01 11.17 0.88
C TYR A 566 -12.83 11.01 -0.39
N GLY A 567 -12.42 11.72 -1.44
CA GLY A 567 -12.99 11.55 -2.76
C GLY A 567 -12.08 10.72 -3.65
N TYR A 568 -12.68 10.11 -4.66
CA TYR A 568 -11.94 9.31 -5.63
C TYR A 568 -12.47 9.65 -7.03
N GLY A 569 -12.04 8.86 -8.02
CA GLY A 569 -12.42 9.09 -9.40
C GLY A 569 -13.92 9.24 -9.58
N GLY A 570 -14.32 10.24 -10.35
CA GLY A 570 -15.73 10.55 -10.56
C GLY A 570 -16.29 11.59 -9.62
N ASP A 571 -15.71 11.75 -8.44
CA ASP A 571 -16.17 12.73 -7.48
C ASP A 571 -15.74 14.16 -7.82
N PHE A 572 -15.12 14.36 -8.98
CA PHE A 572 -14.64 15.68 -9.39
C PHE A 572 -15.06 15.99 -10.82
N GLY A 573 -16.19 15.44 -11.26
CA GLY A 573 -16.76 15.80 -12.55
C GLY A 573 -16.14 15.11 -13.75
N GLU A 574 -15.25 14.14 -13.53
CA GLU A 574 -14.56 13.50 -14.65
C GLU A 574 -15.57 12.92 -15.64
N GLU A 575 -15.41 13.27 -16.91
CA GLU A 575 -16.16 12.60 -17.98
C GLU A 575 -15.74 11.14 -18.10
N VAL A 576 -14.46 10.85 -17.85
CA VAL A 576 -13.89 9.51 -17.96
C VAL A 576 -13.03 9.29 -16.72
N HIS A 577 -13.30 8.22 -15.99
CA HIS A 577 -12.61 7.97 -14.73
C HIS A 577 -12.66 6.47 -14.41
N ASP A 578 -11.98 6.09 -13.34
CA ASP A 578 -11.89 4.69 -12.91
C ASP A 578 -12.26 4.54 -11.44
N GLY A 579 -13.09 5.44 -10.92
CA GLY A 579 -13.69 5.23 -9.61
C GLY A 579 -12.67 5.16 -8.50
N ASN A 580 -12.87 4.20 -7.61
CA ASN A 580 -12.10 4.12 -6.37
C ASN A 580 -10.83 3.27 -6.51
N PHE A 581 -10.41 2.94 -7.73
CA PHE A 581 -9.18 2.18 -7.89
C PHE A 581 -7.94 2.99 -7.51
N VAL A 582 -8.09 4.29 -7.28
CA VAL A 582 -6.97 5.09 -6.79
C VAL A 582 -6.82 4.96 -5.28
N THR A 583 -7.84 4.44 -4.60
CA THR A 583 -7.78 4.19 -3.15
C THR A 583 -7.55 2.69 -2.96
N ASP A 584 -6.29 2.28 -3.00
CA ASP A 584 -5.92 0.87 -3.05
C ASP A 584 -4.66 0.61 -2.24
N GLY A 585 -4.56 1.22 -1.06
CA GLY A 585 -3.32 1.28 -0.32
C GLY A 585 -3.37 0.64 1.06
N LEU A 586 -2.17 0.45 1.61
CA LEU A 586 -2.00 -0.06 2.97
C LEU A 586 -2.29 0.99 4.03
N VAL A 587 -2.22 2.27 3.66
CA VAL A 587 -2.59 3.37 4.54
C VAL A 587 -3.45 4.33 3.72
N ASP A 588 -4.25 5.13 4.42
CA ASP A 588 -5.04 6.12 3.72
C ASP A 588 -4.17 7.34 3.41
N ALA A 589 -4.74 8.29 2.68
CA ALA A 589 -3.97 9.44 2.21
C ALA A 589 -3.32 10.20 3.36
N ASP A 590 -3.86 10.10 4.57
CA ASP A 590 -3.27 10.71 5.76
C ASP A 590 -2.37 9.76 6.52
N ARG A 591 -2.00 8.62 5.92
CA ARG A 591 -1.08 7.65 6.52
C ARG A 591 -1.68 7.00 7.77
N ARG A 592 -3.00 6.86 7.82
CA ARG A 592 -3.62 6.00 8.83
C ARG A 592 -3.55 4.55 8.37
N PRO A 593 -3.00 3.63 9.18
CA PRO A 593 -2.91 2.23 8.72
C PRO A 593 -4.27 1.64 8.39
N ARG A 594 -4.31 0.89 7.29
CA ARG A 594 -5.39 -0.04 7.05
C ARG A 594 -5.06 -1.37 7.70
N PRO A 595 -6.08 -2.21 7.97
CA PRO A 595 -5.78 -3.53 8.55
C PRO A 595 -4.76 -4.33 7.76
N GLY A 596 -4.78 -4.21 6.43
CA GLY A 596 -3.80 -4.91 5.61
C GLY A 596 -2.37 -4.61 5.98
N LEU A 597 -2.08 -3.38 6.42
CA LEU A 597 -0.73 -3.06 6.86
C LEU A 597 -0.40 -3.77 8.17
N LEU A 598 -1.35 -3.80 9.11
CA LEU A 598 -1.13 -4.53 10.35
C LEU A 598 -0.82 -6.01 10.06
N ASP A 599 -1.57 -6.61 9.14
CA ASP A 599 -1.28 -7.98 8.73
C ASP A 599 0.06 -8.07 8.00
N PHE A 600 0.32 -7.14 7.07
CA PHE A 600 1.58 -7.18 6.32
C PHE A 600 2.78 -7.17 7.27
N LYS A 601 2.77 -6.25 8.24
CA LYS A 601 3.86 -6.17 9.20
C LYS A 601 4.19 -7.54 9.79
N LYS A 602 3.15 -8.26 10.22
CA LYS A 602 3.35 -9.58 10.80
C LYS A 602 3.87 -10.57 9.76
N VAL A 603 3.33 -10.52 8.55
CA VAL A 603 3.72 -11.47 7.51
C VAL A 603 5.22 -11.39 7.23
N ILE A 604 5.79 -10.18 7.23
CA ILE A 604 7.18 -9.98 6.84
C ILE A 604 8.08 -9.80 8.06
N GLU A 605 7.60 -10.15 9.26
CA GLU A 605 8.41 -9.92 10.45
C GLU A 605 9.77 -10.61 10.29
N PRO A 606 10.87 -9.95 10.62
CA PRO A 606 12.20 -10.52 10.33
C PRO A 606 12.69 -11.56 11.32
N LEU A 607 11.92 -11.85 12.37
CA LEU A 607 12.23 -12.91 13.31
C LEU A 607 11.02 -13.82 13.43
N ARG A 608 11.27 -15.12 13.59
CA ARG A 608 10.21 -16.11 13.78
C ARG A 608 10.28 -16.61 15.21
N ILE A 609 9.17 -16.51 15.93
CA ILE A 609 9.07 -16.91 17.33
C ILE A 609 7.97 -17.96 17.42
N ASP A 610 8.35 -19.19 17.76
CA ASP A 610 7.43 -20.31 17.92
C ASP A 610 7.41 -20.72 19.39
N VAL A 611 6.37 -20.31 20.10
CA VAL A 611 6.24 -20.59 21.53
C VAL A 611 5.87 -22.05 21.71
N ALA A 612 6.59 -22.74 22.59
CA ALA A 612 6.31 -24.14 22.87
C ALA A 612 4.96 -24.30 23.57
N ARG A 613 4.29 -25.41 23.30
CA ARG A 613 2.96 -25.62 23.86
C ARG A 613 3.00 -25.79 25.37
N ASP A 614 4.07 -26.38 25.90
CA ASP A 614 4.22 -26.55 27.34
C ASP A 614 4.73 -25.30 28.03
N TRP A 615 4.94 -24.21 27.29
CA TRP A 615 5.36 -22.92 27.86
C TRP A 615 6.74 -23.02 28.51
N THR A 616 7.58 -23.96 28.06
CA THR A 616 8.94 -24.06 28.57
C THR A 616 9.88 -23.11 27.86
N GLY A 617 9.65 -22.85 26.58
CA GLY A 617 10.51 -21.95 25.83
C GLY A 617 9.91 -21.65 24.47
N PHE A 618 10.73 -21.07 23.61
CA PHE A 618 10.30 -20.75 22.26
C PHE A 618 11.47 -20.90 21.30
N THR A 619 11.17 -21.38 20.10
CA THR A 619 12.16 -21.42 19.02
C THR A 619 12.27 -20.03 18.41
N LEU A 620 13.50 -19.58 18.18
CA LEU A 620 13.78 -18.26 17.62
C LEU A 620 14.67 -18.43 16.41
N ARG A 621 14.21 -17.94 15.26
CA ARG A 621 14.97 -17.97 14.02
C ARG A 621 15.20 -16.53 13.58
N ASN A 622 16.46 -16.18 13.33
CA ASN A 622 16.81 -14.86 12.83
C ASN A 622 16.61 -14.84 11.32
N GLY A 623 15.55 -14.17 10.86
CA GLY A 623 15.26 -14.07 9.45
C GLY A 623 16.00 -12.98 8.71
N GLN A 624 16.77 -12.15 9.42
CA GLN A 624 17.50 -11.07 8.78
C GLN A 624 18.65 -11.62 7.93
N ASP A 625 19.16 -10.77 7.04
CA ASP A 625 20.22 -11.16 6.13
C ASP A 625 21.61 -10.77 6.61
N PHE A 626 21.72 -9.78 7.50
CA PHE A 626 23.03 -9.30 7.94
C PHE A 626 23.12 -9.15 9.46
N ALA A 627 22.12 -8.52 10.07
CA ALA A 627 22.18 -8.23 11.50
C ALA A 627 21.89 -9.47 12.33
N ASP A 628 22.44 -9.48 13.53
CA ASP A 628 22.13 -10.51 14.52
C ASP A 628 20.92 -10.05 15.32
N THR A 629 20.68 -10.64 16.49
CA THR A 629 19.53 -10.31 17.33
C THR A 629 19.90 -9.40 18.49
N SER A 630 21.09 -8.82 18.48
CA SER A 630 21.55 -8.01 19.61
C SER A 630 20.71 -6.75 19.80
N ALA A 631 20.00 -6.30 18.76
CA ALA A 631 19.21 -5.08 18.84
C ALA A 631 17.87 -5.28 19.54
N PHE A 632 17.50 -6.51 19.87
CA PHE A 632 16.16 -6.81 20.38
C PHE A 632 16.21 -7.21 21.84
N SER A 633 15.21 -6.78 22.58
CA SER A 633 14.92 -7.29 23.91
C SER A 633 13.76 -8.25 23.81
N PHE A 634 13.91 -9.44 24.38
CA PHE A 634 12.91 -10.50 24.28
C PHE A 634 12.11 -10.55 25.57
N ARG A 635 10.81 -10.28 25.48
CA ARG A 635 9.94 -10.14 26.63
C ARG A 635 8.77 -11.11 26.51
N TYR A 636 8.29 -11.58 27.66
CA TYR A 636 7.19 -12.54 27.73
C TYR A 636 6.14 -12.04 28.70
N GLU A 637 4.90 -12.43 28.46
CA GLU A 637 3.82 -12.13 29.39
C GLU A 637 2.75 -13.22 29.30
N VAL A 638 2.18 -13.55 30.45
CA VAL A 638 1.03 -14.46 30.53
C VAL A 638 -0.17 -13.63 30.95
N GLU A 639 -1.17 -13.55 30.07
CA GLU A 639 -2.41 -12.84 30.35
C GLU A 639 -3.54 -13.85 30.53
N ALA A 640 -4.43 -13.55 31.48
CA ALA A 640 -5.57 -14.42 31.75
C ALA A 640 -6.86 -13.61 31.77
N ASP A 641 -7.96 -14.25 32.18
CA ASP A 641 -9.26 -13.58 32.19
C ASP A 641 -9.20 -12.25 32.92
N GLY A 642 -8.74 -12.27 34.16
CA GLY A 642 -8.57 -11.04 34.93
C GLY A 642 -7.54 -10.11 34.32
N GLY A 643 -6.29 -10.58 34.20
CA GLY A 643 -5.25 -9.77 33.62
C GLY A 643 -3.91 -10.49 33.59
N ALA A 644 -2.82 -9.71 33.64
CA ALA A 644 -1.48 -10.27 33.56
C ALA A 644 -1.16 -11.05 34.83
N LEU A 645 -0.66 -12.27 34.66
CA LEU A 645 -0.26 -13.12 35.78
C LEU A 645 1.25 -13.10 36.02
N ASP A 646 2.05 -13.12 34.97
CA ASP A 646 3.49 -13.13 35.09
C ASP A 646 4.08 -12.45 33.86
N GLY A 647 5.36 -12.11 33.95
CA GLY A 647 6.03 -11.45 32.84
C GLY A 647 7.45 -11.08 33.22
N GLY A 648 8.23 -10.74 32.19
CA GLY A 648 9.60 -10.36 32.41
C GLY A 648 10.38 -10.37 31.11
N THR A 649 11.70 -10.47 31.24
CA THR A 649 12.62 -10.40 30.11
C THR A 649 13.63 -11.54 30.22
N VAL A 650 13.96 -12.15 29.08
CA VAL A 650 14.86 -13.29 29.02
C VAL A 650 16.03 -12.95 28.13
N ASP A 651 17.23 -13.38 28.54
CA ASP A 651 18.46 -13.06 27.83
C ASP A 651 18.74 -14.10 26.76
N VAL A 652 18.96 -13.63 25.53
CA VAL A 652 19.23 -14.50 24.38
C VAL A 652 20.62 -14.16 23.87
N ALA A 653 21.49 -15.17 23.81
CA ALA A 653 22.77 -15.00 23.14
C ALA A 653 22.52 -14.59 21.68
N PRO A 654 23.25 -13.61 21.16
CA PRO A 654 22.97 -13.14 19.79
C PRO A 654 22.95 -14.30 18.80
N VAL A 655 21.92 -14.32 17.97
CA VAL A 655 21.72 -15.36 16.96
C VAL A 655 22.08 -14.80 15.61
N ALA A 656 22.98 -15.48 14.90
CA ALA A 656 23.47 -14.99 13.63
C ALA A 656 22.35 -14.95 12.60
N PRO A 657 22.54 -14.21 11.50
CA PRO A 657 21.50 -14.18 10.47
C PRO A 657 21.29 -15.55 9.87
N GLN A 658 20.00 -15.88 9.65
CA GLN A 658 19.62 -17.16 9.06
C GLN A 658 19.99 -18.34 9.96
N SER A 659 20.14 -18.11 11.26
CA SER A 659 20.42 -19.15 12.23
C SER A 659 19.23 -19.33 13.16
N GLU A 660 19.31 -20.36 14.00
CA GLU A 660 18.17 -20.81 14.80
C GLU A 660 18.65 -21.26 16.18
N THR A 661 17.79 -21.05 17.18
CA THR A 661 18.07 -21.52 18.52
C THR A 661 16.75 -21.71 19.26
N VAL A 662 16.82 -22.39 20.41
CA VAL A 662 15.67 -22.57 21.29
C VAL A 662 15.99 -21.87 22.59
N VAL A 663 15.12 -20.95 23.00
CA VAL A 663 15.32 -20.13 24.19
C VAL A 663 14.44 -20.70 25.32
N GLU A 664 15.05 -20.92 26.48
CA GLU A 664 14.30 -21.35 27.65
C GLU A 664 13.59 -20.16 28.29
N LEU A 665 12.34 -20.38 28.67
CA LEU A 665 11.63 -19.42 29.49
C LEU A 665 11.80 -19.77 30.97
N PRO A 666 11.65 -18.79 31.86
CA PRO A 666 11.79 -19.08 33.29
C PRO A 666 10.81 -20.18 33.73
N GLY A 667 11.27 -21.00 34.68
CA GLY A 667 10.47 -22.13 35.11
C GLY A 667 9.10 -21.75 35.64
N SER A 668 8.95 -20.52 36.15
CA SER A 668 7.67 -20.08 36.67
C SER A 668 6.59 -20.04 35.60
N VAL A 669 6.99 -19.90 34.33
CA VAL A 669 6.01 -19.80 33.26
C VAL A 669 5.33 -21.14 33.03
N ALA A 670 6.12 -22.19 32.82
CA ALA A 670 5.55 -23.52 32.59
C ALA A 670 4.76 -24.00 33.79
N ALA A 671 5.32 -23.83 35.00
CA ALA A 671 4.59 -24.21 36.21
C ALA A 671 3.25 -23.50 36.27
N LEU A 672 3.20 -22.24 35.83
CA LEU A 672 1.93 -21.51 35.79
C LEU A 672 0.95 -22.16 34.82
N ALA A 673 1.45 -22.64 33.68
CA ALA A 673 0.60 -23.34 32.72
C ALA A 673 0.00 -24.60 33.35
N ALA A 674 0.84 -25.38 34.05
CA ALA A 674 0.39 -26.65 34.60
C ALA A 674 -0.66 -26.47 35.69
N GLY A 675 -0.67 -25.32 36.35
CA GLY A 675 -1.55 -25.10 37.49
C GLY A 675 -2.93 -24.58 37.17
N LEU A 676 -3.27 -24.40 35.89
CA LEU A 676 -4.55 -23.81 35.54
C LEU A 676 -5.65 -24.88 35.60
N SER A 677 -6.90 -24.40 35.69
CA SER A 677 -8.03 -25.21 36.12
C SER A 677 -8.45 -26.30 35.13
N ASP A 678 -7.85 -26.36 33.94
CA ASP A 678 -8.21 -27.25 32.84
C ASP A 678 -9.45 -26.76 32.10
N GLY A 679 -9.91 -25.54 32.38
CA GLY A 679 -10.93 -24.89 31.58
C GLY A 679 -10.68 -23.40 31.44
N ARG A 680 -9.68 -22.91 32.16
CA ARG A 680 -9.39 -21.48 32.22
C ARG A 680 -8.60 -21.07 30.98
N PRO A 681 -9.02 -20.03 30.26
CA PRO A 681 -8.22 -19.56 29.12
C PRO A 681 -7.04 -18.72 29.56
N ALA A 682 -5.94 -18.83 28.80
CA ALA A 682 -4.73 -18.11 29.13
C ALA A 682 -3.84 -18.05 27.89
N VAL A 683 -3.12 -16.93 27.75
CA VAL A 683 -2.32 -16.66 26.57
C VAL A 683 -0.91 -16.31 27.01
N LEU A 684 0.08 -17.01 26.45
CA LEU A 684 1.49 -16.68 26.63
C LEU A 684 1.98 -16.03 25.35
N THR A 685 2.44 -14.78 25.47
CA THR A 685 2.95 -14.02 24.33
C THR A 685 4.42 -13.72 24.55
N VAL A 686 5.25 -14.08 23.57
CA VAL A 686 6.66 -13.71 23.56
C VAL A 686 6.84 -12.67 22.46
N ARG A 687 7.54 -11.59 22.78
CA ARG A 687 7.73 -10.48 21.85
C ARG A 687 9.20 -10.13 21.74
N ALA A 688 9.58 -9.70 20.54
CA ALA A 688 10.88 -9.10 20.30
C ALA A 688 10.66 -7.61 20.05
N VAL A 689 11.16 -6.78 20.96
CA VAL A 689 11.03 -5.33 20.86
C VAL A 689 12.43 -4.73 20.73
N LEU A 690 12.48 -3.45 20.37
CA LEU A 690 13.76 -2.75 20.31
C LEU A 690 14.30 -2.51 21.71
N GLY A 691 15.54 -2.92 21.95
CA GLY A 691 16.16 -2.68 23.22
C GLY A 691 16.51 -1.23 23.46
N ALA A 692 16.70 -0.47 22.38
CA ALA A 692 17.06 0.94 22.48
C ALA A 692 16.39 1.71 21.35
N ASP A 693 16.27 3.02 21.56
CA ASP A 693 15.79 3.91 20.51
C ASP A 693 16.60 3.69 19.24
N SER A 694 15.91 3.68 18.11
CA SER A 694 16.53 3.64 16.79
C SER A 694 16.18 4.93 16.06
N ALA A 695 16.65 5.03 14.81
CA ALA A 695 16.36 6.20 14.00
C ALA A 695 14.89 6.23 13.54
N TRP A 696 14.16 5.13 13.66
CA TRP A 696 12.81 5.03 13.13
C TRP A 696 11.76 4.68 14.17
N ALA A 697 12.13 4.46 15.42
CA ALA A 697 11.16 4.12 16.45
C ALA A 697 11.83 4.21 17.81
N ASP A 698 11.01 4.25 18.86
CA ASP A 698 11.49 4.31 20.23
C ASP A 698 11.73 2.90 20.77
N ALA A 699 12.56 2.83 21.80
CA ALA A 699 12.80 1.56 22.48
C ALA A 699 11.47 0.97 22.96
N GLY A 700 11.36 -0.36 22.89
CA GLY A 700 10.13 -1.04 23.21
C GLY A 700 9.21 -1.26 22.03
N HIS A 701 9.49 -0.65 20.88
CA HIS A 701 8.68 -0.89 19.69
C HIS A 701 8.71 -2.36 19.32
N GLU A 702 7.54 -2.90 18.98
CA GLU A 702 7.42 -4.32 18.71
C GLU A 702 7.78 -4.63 17.26
N VAL A 703 8.62 -5.66 17.08
CA VAL A 703 9.07 -6.08 15.75
C VAL A 703 8.51 -7.45 15.38
N ALA A 704 8.59 -8.41 16.30
CA ALA A 704 8.11 -9.77 16.05
C ALA A 704 7.47 -10.31 17.33
N TRP A 705 6.60 -11.31 17.16
CA TRP A 705 5.92 -11.89 18.30
C TRP A 705 5.43 -13.29 17.96
N GLY A 706 5.19 -14.08 19.00
CA GLY A 706 4.61 -15.41 18.87
C GLY A 706 3.85 -15.76 20.13
N GLN A 707 2.88 -16.67 19.99
CA GLN A 707 1.93 -16.96 21.07
C GLN A 707 1.73 -18.46 21.22
N SER A 708 1.27 -18.83 22.43
CA SER A 708 0.76 -20.16 22.71
C SER A 708 -0.45 -20.01 23.63
N VAL A 709 -1.56 -20.65 23.29
CA VAL A 709 -2.84 -20.41 23.94
C VAL A 709 -3.35 -21.69 24.58
N ARG A 710 -3.78 -21.59 25.83
CA ARG A 710 -4.63 -22.60 26.45
C ARG A 710 -6.07 -22.15 26.23
N GLU A 711 -6.76 -22.79 25.28
CA GLU A 711 -8.06 -22.29 24.91
C GLU A 711 -9.11 -22.64 25.96
N PRO A 712 -10.17 -21.84 26.08
CA PRO A 712 -11.21 -22.16 27.07
C PRO A 712 -11.99 -23.40 26.66
N GLY A 713 -12.37 -24.19 27.67
CA GLY A 713 -13.16 -25.38 27.43
C GLY A 713 -14.42 -25.09 26.65
N ALA A 714 -14.99 -26.12 26.02
CA ALA A 714 -16.23 -25.93 25.29
C ALA A 714 -17.33 -25.48 26.26
N PRO A 715 -18.20 -24.55 25.85
CA PRO A 715 -19.23 -24.08 26.77
C PRO A 715 -20.28 -25.15 27.01
N VAL A 716 -20.85 -25.11 28.22
CA VAL A 716 -21.80 -26.14 28.63
C VAL A 716 -23.18 -25.76 28.11
N PRO A 717 -23.86 -26.61 27.35
CA PRO A 717 -25.25 -26.33 27.01
C PRO A 717 -26.12 -26.37 28.26
N PRO A 718 -26.98 -25.38 28.46
CA PRO A 718 -27.80 -25.36 29.68
C PRO A 718 -28.77 -26.52 29.71
N ALA A 719 -28.96 -27.09 30.90
CA ALA A 719 -29.92 -28.16 31.08
C ALA A 719 -31.29 -27.68 30.62
N PRO A 720 -31.97 -28.38 29.69
CA PRO A 720 -33.28 -27.91 29.22
C PRO A 720 -34.38 -28.17 30.25
N VAL A 721 -34.29 -27.47 31.38
CA VAL A 721 -35.21 -27.68 32.50
C VAL A 721 -36.39 -26.71 32.50
N GLU A 722 -36.32 -25.63 31.72
CA GLU A 722 -37.44 -24.70 31.69
C GLU A 722 -38.44 -25.10 30.61
N PRO A 723 -39.74 -25.08 30.88
CA PRO A 723 -40.71 -25.46 29.85
C PRO A 723 -41.06 -24.27 28.96
N VAL A 724 -41.81 -24.58 27.89
CA VAL A 724 -42.27 -23.58 26.94
C VAL A 724 -43.68 -23.16 27.32
N GLN A 725 -43.85 -21.89 27.63
CA GLN A 725 -45.14 -21.33 27.99
C GLN A 725 -45.84 -20.82 26.74
N VAL A 726 -47.08 -21.24 26.55
CA VAL A 726 -47.81 -21.02 25.30
C VAL A 726 -48.89 -19.98 25.52
N GLN A 727 -49.01 -19.06 24.56
CA GLN A 727 -50.05 -18.04 24.55
C GLN A 727 -50.54 -17.87 23.12
N ASP A 728 -51.63 -17.12 22.95
CA ASP A 728 -52.29 -17.02 21.65
C ASP A 728 -51.32 -16.59 20.56
N SER A 729 -50.57 -15.52 20.79
CA SER A 729 -49.69 -14.96 19.78
C SER A 729 -48.22 -14.98 20.18
N GLU A 730 -47.87 -15.54 21.34
CA GLU A 730 -46.50 -15.54 21.81
C GLU A 730 -46.17 -16.84 22.52
N LEU A 731 -44.91 -17.26 22.40
CA LEU A 731 -44.36 -18.34 23.19
C LEU A 731 -43.20 -17.79 24.01
N THR A 732 -43.08 -18.26 25.24
CA THR A 732 -41.97 -17.87 26.11
C THR A 732 -41.26 -19.11 26.61
N LEU A 733 -39.93 -19.06 26.60
CA LEU A 733 -39.08 -20.16 27.06
C LEU A 733 -37.95 -19.52 27.86
N GLY A 734 -38.17 -19.39 29.17
CA GLY A 734 -37.25 -18.69 30.02
C GLY A 734 -37.21 -17.20 29.68
N PRO A 735 -36.03 -16.68 29.35
CA PRO A 735 -35.93 -15.24 29.03
C PRO A 735 -36.23 -14.90 27.58
N VAL A 736 -36.51 -15.87 26.72
CA VAL A 736 -36.79 -15.63 25.31
C VAL A 736 -38.29 -15.63 25.10
N VAL A 737 -38.79 -14.60 24.43
CA VAL A 737 -40.17 -14.53 23.97
C VAL A 737 -40.16 -14.66 22.45
N PHE A 738 -41.01 -15.54 21.93
CA PHE A 738 -41.08 -15.80 20.51
C PHE A 738 -42.39 -15.29 19.94
N SER A 739 -42.32 -14.67 18.76
CA SER A 739 -43.52 -14.40 17.98
C SER A 739 -44.07 -15.73 17.47
N ARG A 740 -45.25 -16.11 17.96
CA ARG A 740 -45.81 -17.40 17.57
C ARG A 740 -46.10 -17.47 16.08
N ALA A 741 -46.22 -16.32 15.41
CA ALA A 741 -46.48 -16.31 13.97
C ALA A 741 -45.23 -16.64 13.17
N THR A 742 -44.10 -16.01 13.50
CA THR A 742 -42.86 -16.24 12.76
C THR A 742 -42.03 -17.37 13.35
N GLY A 743 -42.13 -17.62 14.65
CA GLY A 743 -41.25 -18.56 15.31
C GLY A 743 -39.93 -17.98 15.74
N MET A 744 -39.63 -16.73 15.41
CA MET A 744 -38.38 -16.10 15.79
C MET A 744 -38.52 -15.39 17.12
N PRO A 745 -37.42 -15.19 17.84
CA PRO A 745 -37.50 -14.44 19.11
C PRO A 745 -37.78 -12.96 18.86
N THR A 746 -38.60 -12.38 19.75
CA THR A 746 -38.87 -10.96 19.73
C THR A 746 -38.21 -10.21 20.88
N SER A 747 -37.59 -10.92 21.82
CA SER A 747 -36.76 -10.32 22.86
C SER A 747 -36.12 -11.44 23.65
N ILE A 748 -34.94 -11.16 24.20
CA ILE A 748 -34.19 -12.12 25.00
C ILE A 748 -33.73 -11.40 26.26
N GLY A 749 -34.38 -11.68 27.39
CA GLY A 749 -34.01 -11.03 28.63
C GLY A 749 -34.30 -9.55 28.65
N GLY A 750 -35.27 -9.09 27.86
CA GLY A 750 -35.68 -7.72 27.84
C GLY A 750 -35.16 -6.90 26.67
N VAL A 751 -34.10 -7.35 26.00
CA VAL A 751 -33.58 -6.61 24.86
C VAL A 751 -34.40 -6.98 23.63
N PRO A 752 -34.99 -6.01 22.92
CA PRO A 752 -35.85 -6.37 21.78
C PRO A 752 -35.06 -6.94 20.62
N VAL A 753 -35.62 -8.01 20.03
CA VAL A 753 -35.08 -8.62 18.83
C VAL A 753 -36.08 -8.33 17.71
N GLU A 754 -35.65 -7.56 16.71
CA GLU A 754 -36.54 -7.20 15.61
C GLU A 754 -36.51 -8.23 14.47
N LYS A 755 -35.41 -8.94 14.31
CA LYS A 755 -35.34 -9.98 13.29
C LYS A 755 -34.20 -10.93 13.63
N LEU A 756 -34.38 -12.19 13.24
CA LEU A 756 -33.31 -13.19 13.31
C LEU A 756 -33.43 -14.08 12.08
N GLY A 757 -32.31 -14.30 11.40
CA GLY A 757 -32.33 -15.11 10.20
C GLY A 757 -30.94 -15.55 9.79
N LEU A 758 -30.91 -16.39 8.77
CA LEU A 758 -29.66 -16.89 8.22
C LEU A 758 -29.06 -15.86 7.27
N THR A 759 -27.73 -15.85 7.21
CA THR A 759 -26.99 -15.03 6.25
C THR A 759 -26.11 -15.92 5.39
N LEU A 760 -26.01 -15.55 4.11
CA LEU A 760 -25.12 -16.23 3.17
C LEU A 760 -24.34 -15.24 2.33
N TRP A 761 -24.45 -13.94 2.62
CA TRP A 761 -24.00 -12.89 1.72
C TRP A 761 -23.43 -11.74 2.54
N TRP A 762 -22.50 -11.00 1.95
CA TRP A 762 -22.00 -9.78 2.57
C TRP A 762 -21.88 -8.70 1.51
N ALA A 763 -21.80 -7.46 1.96
CA ALA A 763 -21.67 -6.33 1.05
C ALA A 763 -20.36 -6.44 0.28
N PRO A 764 -20.39 -6.58 -1.05
CA PRO A 764 -19.16 -6.90 -1.79
C PRO A 764 -18.00 -5.99 -1.45
N THR A 765 -16.83 -6.60 -1.25
CA THR A 765 -15.60 -5.86 -1.15
C THR A 765 -15.15 -5.41 -2.54
N ASP A 766 -14.13 -4.55 -2.57
CA ASP A 766 -13.55 -4.18 -3.86
C ASP A 766 -13.08 -5.41 -4.63
N ASN A 767 -12.56 -6.41 -3.92
CA ASN A 767 -12.11 -7.64 -4.57
C ASN A 767 -13.28 -8.40 -5.18
N ASP A 768 -14.39 -8.50 -4.44
CA ASP A 768 -15.57 -9.20 -4.97
C ASP A 768 -16.10 -8.55 -6.23
N LEU A 769 -15.78 -7.29 -6.47
CA LEU A 769 -16.22 -6.59 -7.67
C LEU A 769 -15.31 -6.80 -8.87
N GLY A 770 -14.16 -7.45 -8.69
CA GLY A 770 -13.27 -7.74 -9.79
C GLY A 770 -13.55 -9.09 -10.42
N ARG A 771 -13.27 -9.19 -11.72
CA ARG A 771 -13.45 -10.44 -12.43
C ARG A 771 -12.38 -11.43 -12.02
N GLU A 772 -12.79 -12.66 -11.75
CA GLU A 772 -11.85 -13.76 -11.48
C GLU A 772 -11.66 -14.51 -12.77
N TRP A 773 -10.52 -14.30 -13.42
CA TRP A 773 -10.29 -14.88 -14.74
C TRP A 773 -10.05 -16.38 -14.63
N GLY A 774 -10.38 -17.08 -15.70
CA GLY A 774 -10.40 -18.53 -15.69
C GLY A 774 -11.81 -19.05 -15.53
N GLY A 775 -12.07 -20.21 -16.15
CA GLY A 775 -13.41 -20.74 -16.19
C GLY A 775 -14.28 -19.95 -17.15
N ALA A 776 -15.38 -20.56 -17.61
CA ALA A 776 -16.30 -19.85 -18.49
C ALA A 776 -17.08 -18.76 -17.77
N ASP A 777 -16.97 -18.69 -16.44
CA ASP A 777 -17.64 -17.66 -15.65
C ASP A 777 -16.61 -16.59 -15.28
N GLU A 778 -16.77 -15.41 -15.85
CA GLU A 778 -15.96 -14.26 -15.47
C GLU A 778 -16.78 -13.15 -14.84
N ARG A 779 -18.04 -13.42 -14.50
CA ARG A 779 -18.78 -12.49 -13.67
C ARG A 779 -18.03 -12.29 -12.35
N PRO A 780 -17.89 -11.06 -11.87
CA PRO A 780 -17.37 -10.87 -10.51
C PRO A 780 -18.25 -11.60 -9.50
N LEU A 781 -17.63 -12.00 -8.39
CA LEU A 781 -18.36 -12.72 -7.37
C LEU A 781 -19.58 -11.93 -6.89
N ALA A 782 -19.45 -10.60 -6.82
CA ALA A 782 -20.58 -9.76 -6.45
C ALA A 782 -21.74 -9.94 -7.42
N THR A 783 -21.44 -10.08 -8.72
CA THR A 783 -22.50 -10.27 -9.71
C THR A 783 -23.09 -11.67 -9.62
N GLN A 784 -22.24 -12.69 -9.45
CA GLN A 784 -22.74 -14.04 -9.22
C GLN A 784 -23.73 -14.05 -8.05
N TRP A 785 -23.43 -13.29 -7.00
CA TRP A 785 -24.30 -13.25 -5.84
C TRP A 785 -25.63 -12.59 -6.17
N LYS A 786 -25.59 -11.42 -6.82
CA LYS A 786 -26.83 -10.73 -7.16
C LYS A 786 -27.70 -11.59 -8.07
N ASP A 787 -27.11 -12.15 -9.13
CA ASP A 787 -27.86 -13.05 -10.00
C ASP A 787 -28.47 -14.20 -9.23
N ALA A 788 -27.77 -14.69 -8.21
CA ALA A 788 -28.24 -15.82 -7.42
C ALA A 788 -29.25 -15.42 -6.35
N GLY A 789 -29.41 -14.13 -6.08
CA GLY A 789 -30.34 -13.67 -5.07
C GLY A 789 -29.86 -13.78 -3.64
N LEU A 790 -28.56 -14.00 -3.42
CA LEU A 790 -28.06 -14.18 -2.06
C LEU A 790 -28.28 -12.94 -1.19
N ASN A 791 -28.45 -11.77 -1.81
CA ASN A 791 -28.66 -10.53 -1.07
C ASN A 791 -30.10 -10.29 -0.69
N ARG A 792 -31.03 -11.12 -1.18
CA ARG A 792 -32.46 -10.91 -0.99
C ARG A 792 -33.13 -12.22 -0.55
N LEU A 793 -32.55 -12.85 0.47
CA LEU A 793 -33.08 -14.11 0.97
C LEU A 793 -34.46 -13.91 1.60
N HIS A 794 -35.28 -14.95 1.53
CA HIS A 794 -36.58 -14.98 2.18
C HIS A 794 -36.76 -16.32 2.88
N THR A 795 -37.48 -16.28 4.00
CA THR A 795 -37.63 -17.43 4.87
C THR A 795 -39.11 -17.81 4.97
N ARG A 796 -39.40 -19.10 4.83
CA ARG A 796 -40.74 -19.63 4.99
C ARG A 796 -40.77 -20.53 6.24
N LEU A 797 -41.79 -20.36 7.06
CA LEU A 797 -41.96 -21.16 8.26
C LEU A 797 -42.62 -22.49 7.91
N LEU A 798 -41.98 -23.59 8.32
CA LEU A 798 -42.50 -24.93 8.07
C LEU A 798 -43.22 -25.51 9.27
N GLY A 799 -42.75 -25.24 10.48
CA GLY A 799 -43.45 -25.71 11.67
C GLY A 799 -42.72 -25.27 12.92
N ILE A 800 -43.47 -25.25 14.01
CA ILE A 800 -42.95 -24.97 15.34
C ILE A 800 -43.37 -26.12 16.25
N SER A 801 -42.45 -26.58 17.10
CA SER A 801 -42.72 -27.76 17.91
C SER A 801 -41.90 -27.70 19.20
N ALA A 802 -42.55 -28.02 20.31
CA ALA A 802 -41.87 -28.20 21.59
C ALA A 802 -41.64 -29.69 21.82
N ASN A 803 -40.59 -29.99 22.59
CA ASN A 803 -40.18 -31.37 22.81
C ASN A 803 -39.74 -31.54 24.25
N PRO A 804 -39.74 -32.78 24.76
CA PRO A 804 -39.34 -33.01 26.15
C PRO A 804 -37.85 -32.78 26.35
N GLY A 805 -37.51 -32.02 27.40
CA GLY A 805 -36.13 -31.74 27.73
C GLY A 805 -35.65 -32.43 28.99
N GLN A 806 -35.94 -31.83 30.15
CA GLN A 806 -35.47 -32.39 31.42
C GLN A 806 -36.35 -31.88 32.55
N ASP A 807 -36.78 -32.80 33.42
CA ASP A 807 -37.47 -32.44 34.66
C ASP A 807 -38.64 -31.48 34.39
N GLY A 808 -39.41 -31.78 33.35
CA GLY A 808 -40.51 -30.92 32.95
C GLY A 808 -40.15 -29.83 31.98
N GLY A 809 -38.87 -29.66 31.65
CA GLY A 809 -38.47 -28.66 30.69
C GLY A 809 -38.67 -29.13 29.26
N GLU A 810 -38.60 -28.17 28.34
CA GLU A 810 -38.83 -28.46 26.93
C GLU A 810 -37.84 -27.67 26.08
N THR A 811 -37.50 -28.23 24.92
CA THR A 811 -36.79 -27.51 23.88
C THR A 811 -37.77 -27.13 22.77
N LEU A 812 -37.55 -25.97 22.18
CA LEU A 812 -38.41 -25.44 21.13
C LEU A 812 -37.66 -25.46 19.81
N THR A 813 -38.17 -26.24 18.86
CA THR A 813 -37.56 -26.35 17.54
C THR A 813 -38.40 -25.59 16.54
N VAL A 814 -37.74 -24.77 15.72
CA VAL A 814 -38.40 -23.95 14.70
C VAL A 814 -37.77 -24.33 13.36
N ARG A 815 -38.57 -24.94 12.49
CA ARG A 815 -38.10 -25.39 11.18
C ARG A 815 -38.45 -24.35 10.13
N THR A 816 -37.46 -23.96 9.32
CA THR A 816 -37.63 -22.97 8.29
C THR A 816 -36.94 -23.42 7.01
N ARG A 817 -37.28 -22.76 5.91
CA ARG A 817 -36.57 -22.93 4.65
C ARG A 817 -36.24 -21.54 4.12
N VAL A 818 -34.99 -21.34 3.72
CA VAL A 818 -34.52 -20.05 3.22
C VAL A 818 -34.18 -20.21 1.74
N SER A 819 -34.61 -19.23 0.95
CA SER A 819 -34.36 -19.22 -0.49
C SER A 819 -34.42 -17.77 -0.95
N ALA A 820 -34.65 -17.57 -2.25
CA ALA A 820 -34.85 -16.24 -2.80
C ALA A 820 -35.86 -16.33 -3.93
N ALA A 821 -36.46 -15.19 -4.26
CA ALA A 821 -37.49 -15.15 -5.28
C ALA A 821 -36.93 -15.63 -6.62
N ASP A 822 -37.70 -16.50 -7.28
CA ASP A 822 -37.43 -17.02 -8.61
C ASP A 822 -36.40 -18.15 -8.61
N LYS A 823 -35.95 -18.61 -7.44
CA LYS A 823 -34.97 -19.67 -7.34
C LYS A 823 -35.61 -20.92 -6.75
N GLN A 824 -35.17 -22.08 -7.23
CA GLN A 824 -35.65 -23.36 -6.73
C GLN A 824 -34.76 -23.96 -5.65
N TYR A 825 -33.46 -23.61 -5.65
CA TYR A 825 -32.58 -24.09 -4.60
C TYR A 825 -32.83 -23.35 -3.29
N GLY A 826 -32.60 -24.03 -2.18
CA GLY A 826 -32.80 -23.44 -0.88
C GLY A 826 -31.99 -24.16 0.17
N VAL A 827 -32.18 -23.73 1.41
CA VAL A 827 -31.52 -24.35 2.55
C VAL A 827 -32.54 -24.50 3.68
N LEU A 828 -32.55 -25.66 4.32
CA LEU A 828 -33.40 -25.91 5.47
C LEU A 828 -32.62 -25.55 6.73
N VAL A 829 -33.20 -24.68 7.55
CA VAL A 829 -32.58 -24.22 8.78
C VAL A 829 -33.52 -24.54 9.94
N ASP A 830 -33.00 -25.22 10.96
CA ASP A 830 -33.75 -25.56 12.16
C ASP A 830 -33.07 -24.97 13.38
N TYR A 831 -33.81 -24.19 14.15
CA TYR A 831 -33.33 -23.61 15.39
C TYR A 831 -33.93 -24.38 16.56
N THR A 832 -33.07 -24.96 17.40
CA THR A 832 -33.49 -25.62 18.62
C THR A 832 -33.10 -24.76 19.80
N TRP A 833 -34.09 -24.30 20.55
CA TRP A 833 -33.88 -23.42 21.68
C TRP A 833 -34.02 -24.20 22.99
N SER A 834 -33.13 -23.93 23.93
CA SER A 834 -33.16 -24.55 25.25
C SER A 834 -32.70 -23.53 26.27
N THR A 835 -33.21 -23.64 27.50
CA THR A 835 -32.86 -22.69 28.54
C THR A 835 -33.02 -23.34 29.91
N ASP A 836 -32.15 -22.95 30.83
CA ASP A 836 -32.29 -23.29 32.24
C ASP A 836 -32.84 -22.12 33.06
N GLY A 837 -33.40 -21.10 32.39
CA GLY A 837 -33.81 -19.88 33.02
C GLY A 837 -32.74 -18.80 33.03
N GLU A 838 -31.47 -19.19 32.96
CA GLU A 838 -30.36 -18.24 33.03
C GLU A 838 -29.70 -18.04 31.68
N THR A 839 -29.12 -19.09 31.08
CA THR A 839 -28.52 -19.01 29.77
C THR A 839 -29.45 -19.66 28.74
N VAL A 840 -29.31 -19.22 27.49
CA VAL A 840 -30.12 -19.71 26.39
C VAL A 840 -29.23 -20.55 25.47
N GLY A 841 -29.65 -21.75 25.18
CA GLY A 841 -28.93 -22.64 24.27
C GLY A 841 -29.60 -22.64 22.90
N LEU A 842 -28.81 -22.34 21.87
CA LEU A 842 -29.30 -22.27 20.50
C LEU A 842 -28.45 -23.18 19.63
N ARG A 843 -29.10 -24.16 18.99
CA ARG A 843 -28.46 -25.04 18.02
C ARG A 843 -29.06 -24.77 16.66
N THR A 844 -28.19 -24.53 15.67
CA THR A 844 -28.60 -24.25 14.31
C THR A 844 -28.10 -25.37 13.40
N GLN A 845 -28.99 -25.86 12.53
CA GLN A 845 -28.67 -26.93 11.60
C GLN A 845 -29.06 -26.51 10.19
N VAL A 846 -28.12 -26.62 9.27
CA VAL A 846 -28.27 -26.13 7.90
C VAL A 846 -28.12 -27.32 6.96
N ARG A 847 -29.05 -27.43 6.00
CA ARG A 847 -29.02 -28.52 5.03
C ARG A 847 -29.46 -28.00 3.67
N ARG A 848 -28.66 -28.29 2.64
CA ARG A 848 -29.00 -27.88 1.28
C ARG A 848 -30.25 -28.60 0.81
N ASP A 849 -31.10 -27.86 0.09
CA ASP A 849 -32.26 -28.42 -0.59
C ASP A 849 -32.17 -28.03 -2.06
N GLY A 850 -31.92 -29.02 -2.92
CA GLY A 850 -31.74 -28.76 -4.33
C GLY A 850 -30.33 -28.29 -4.65
N THR A 851 -30.00 -28.34 -5.94
CA THR A 851 -28.66 -28.00 -6.39
C THR A 851 -28.49 -26.48 -6.50
N TRP A 852 -27.47 -25.96 -5.84
CA TRP A 852 -27.23 -24.52 -5.78
C TRP A 852 -26.45 -24.10 -7.03
N VAL A 853 -27.17 -24.04 -8.15
CA VAL A 853 -26.62 -23.64 -9.43
C VAL A 853 -27.51 -22.53 -10.01
N ASN A 854 -26.88 -21.53 -10.61
CA ASN A 854 -27.61 -20.40 -11.18
C ASN A 854 -26.84 -19.86 -12.37
N ARG A 855 -27.57 -19.50 -13.43
CA ARG A 855 -26.97 -19.09 -14.70
C ARG A 855 -25.86 -20.05 -15.12
N GLY A 856 -26.09 -21.34 -14.88
CA GLY A 856 -25.21 -22.38 -15.36
C GLY A 856 -23.97 -22.64 -14.52
N PHE A 857 -23.76 -21.91 -13.43
CA PHE A 857 -22.57 -22.07 -12.62
C PHE A 857 -22.93 -22.24 -11.16
N GLU A 858 -22.09 -22.97 -10.44
CA GLU A 858 -22.30 -23.19 -9.02
C GLU A 858 -22.28 -21.87 -8.27
N VAL A 859 -23.23 -21.71 -7.36
CA VAL A 859 -23.26 -20.54 -6.48
C VAL A 859 -22.29 -20.77 -5.33
N GLU A 860 -21.53 -19.74 -4.99
CA GLU A 860 -20.68 -19.76 -3.80
C GLU A 860 -21.26 -18.82 -2.75
N TRP A 861 -20.97 -19.13 -1.49
CA TRP A 861 -21.46 -18.36 -0.37
C TRP A 861 -20.37 -17.47 0.20
N ALA A 862 -20.79 -16.30 0.71
CA ALA A 862 -19.88 -15.45 1.47
C ALA A 862 -19.71 -15.95 2.90
N ARG A 863 -20.73 -16.61 3.46
CA ARG A 863 -20.72 -16.95 4.87
C ARG A 863 -21.81 -17.98 5.16
N ILE A 864 -21.70 -18.59 6.33
CA ILE A 864 -22.81 -19.33 6.96
C ILE A 864 -22.91 -18.72 8.35
N GLY A 865 -23.91 -17.86 8.56
CA GLY A 865 -24.05 -17.19 9.83
C GLY A 865 -25.48 -16.80 10.20
N LEU A 866 -25.62 -16.07 11.29
CA LEU A 866 -26.92 -15.54 11.73
C LEU A 866 -26.81 -14.03 11.88
N GLU A 867 -27.89 -13.34 11.52
CA GLU A 867 -27.99 -11.90 11.74
C GLU A 867 -29.03 -11.64 12.82
N PHE A 868 -28.60 -11.07 13.93
CA PHE A 868 -29.50 -10.58 14.97
C PHE A 868 -29.64 -9.08 14.79
N VAL A 869 -30.88 -8.61 14.64
CA VAL A 869 -31.20 -7.18 14.58
C VAL A 869 -31.87 -6.83 15.89
N LEU A 870 -31.18 -6.07 16.73
CA LEU A 870 -31.68 -5.70 18.05
C LEU A 870 -32.24 -4.28 18.02
N GLY A 871 -33.22 -4.03 18.87
CA GLY A 871 -33.93 -2.77 18.87
C GLY A 871 -33.33 -1.71 19.77
N GLU A 872 -32.06 -1.85 20.11
CA GLU A 872 -31.35 -0.85 20.90
C GLU A 872 -29.92 -0.75 20.38
N GLU A 873 -29.29 0.39 20.65
CA GLU A 873 -27.94 0.65 20.19
C GLU A 873 -26.92 0.01 21.12
N THR A 874 -25.77 -0.37 20.54
CA THR A 874 -24.66 -0.94 21.28
C THR A 874 -23.58 0.11 21.45
N GLU A 875 -23.18 0.38 22.69
CA GLU A 875 -22.12 1.33 22.95
C GLU A 875 -20.73 0.70 22.94
N LEU A 876 -20.63 -0.58 23.33
CA LEU A 876 -19.34 -1.22 23.48
C LEU A 876 -19.42 -2.68 23.05
N VAL A 877 -18.34 -3.15 22.43
CA VAL A 877 -18.21 -4.54 21.99
C VAL A 877 -16.93 -5.10 22.57
N SER A 878 -17.03 -6.24 23.27
CA SER A 878 -15.89 -6.93 23.84
C SER A 878 -15.93 -8.39 23.42
N TRP A 879 -14.76 -8.99 23.28
CA TRP A 879 -14.67 -10.38 22.86
C TRP A 879 -13.33 -10.96 23.25
N PHE A 880 -13.31 -12.29 23.37
CA PHE A 880 -12.07 -13.05 23.46
C PHE A 880 -11.89 -13.81 22.14
N GLY A 881 -10.79 -13.51 21.46
CA GLY A 881 -10.51 -14.12 20.16
C GLY A 881 -9.29 -13.49 19.52
N GLN A 882 -9.42 -13.07 18.27
CA GLN A 882 -8.32 -12.46 17.52
C GLN A 882 -8.58 -10.96 17.39
N GLY A 883 -7.55 -10.15 17.64
CA GLY A 883 -7.71 -8.72 17.59
C GLY A 883 -6.41 -7.95 17.68
N PRO A 884 -6.50 -6.63 17.80
CA PRO A 884 -7.76 -5.88 17.90
C PRO A 884 -8.52 -5.72 16.58
N HIS A 885 -7.81 -5.75 15.45
CA HIS A 885 -8.39 -5.41 14.17
C HIS A 885 -9.05 -6.63 13.52
N GLN A 886 -9.67 -6.41 12.36
CA GLN A 886 -10.47 -7.43 11.70
C GLN A 886 -9.61 -8.61 11.27
N SER A 887 -10.27 -9.76 11.10
CA SER A 887 -9.61 -10.96 10.58
C SER A 887 -10.61 -11.80 9.80
N TYR A 888 -10.20 -12.21 8.59
CA TYR A 888 -10.96 -13.10 7.73
C TYR A 888 -10.11 -14.32 7.44
N PRO A 889 -10.66 -15.39 6.86
CA PRO A 889 -9.89 -16.64 6.75
C PRO A 889 -8.49 -16.49 6.15
N ASP A 890 -8.32 -15.66 5.12
CA ASP A 890 -7.02 -15.50 4.48
C ASP A 890 -6.33 -14.19 4.87
N THR A 891 -6.78 -13.55 5.93
CA THR A 891 -6.12 -12.35 6.44
C THR A 891 -5.98 -12.52 7.95
N GLY A 892 -5.82 -11.38 8.66
CA GLY A 892 -5.76 -11.41 10.10
C GLY A 892 -4.47 -11.95 10.69
N GLN A 893 -3.42 -12.12 9.88
CA GLN A 893 -2.14 -12.57 10.43
C GLN A 893 -1.72 -11.70 11.61
N GLY A 894 -2.03 -10.39 11.55
CA GLY A 894 -1.65 -9.48 12.61
C GLY A 894 -2.57 -9.52 13.82
N ALA A 895 -3.75 -10.09 13.69
CA ALA A 895 -4.63 -10.25 14.84
C ALA A 895 -4.11 -11.36 15.73
N ARG A 896 -3.80 -11.03 16.98
CA ARG A 896 -3.28 -11.98 17.95
C ARG A 896 -4.39 -12.40 18.93
N ALA A 897 -4.09 -13.43 19.69
CA ALA A 897 -5.05 -13.97 20.66
C ALA A 897 -5.03 -13.13 21.94
N GLY A 898 -6.22 -12.80 22.43
CA GLY A 898 -6.32 -12.05 23.67
C GLY A 898 -7.74 -11.60 23.93
N TRP A 899 -7.86 -10.69 24.90
CA TRP A 899 -9.12 -10.06 25.26
C TRP A 899 -9.12 -8.63 24.76
N PHE A 900 -10.20 -8.22 24.09
CA PHE A 900 -10.29 -6.92 23.46
C PHE A 900 -11.63 -6.28 23.79
N SER A 901 -11.65 -4.95 23.71
CA SER A 901 -12.86 -4.17 24.00
C SER A 901 -12.76 -2.84 23.28
N LEU A 902 -13.80 -2.49 22.52
CA LEU A 902 -13.77 -1.29 21.71
C LEU A 902 -15.16 -0.67 21.65
N PRO A 903 -15.27 0.65 21.62
CA PRO A 903 -16.56 1.27 21.29
C PRO A 903 -17.01 0.89 19.89
N LEU A 904 -18.33 0.98 19.66
CA LEU A 904 -18.90 0.44 18.43
C LEU A 904 -18.28 1.07 17.20
N ALA A 905 -18.07 2.39 17.21
CA ALA A 905 -17.52 3.07 16.04
C ALA A 905 -16.17 2.48 15.66
N LYS A 906 -15.35 2.14 16.65
CA LYS A 906 -14.01 1.63 16.38
C LYS A 906 -14.00 0.18 15.90
N MET A 907 -15.12 -0.53 15.99
CA MET A 907 -15.21 -1.85 15.38
C MET A 907 -15.20 -1.77 13.87
N ASP A 908 -15.62 -0.64 13.30
CA ASP A 908 -15.71 -0.47 11.86
C ASP A 908 -14.33 -0.16 11.27
N VAL A 909 -14.25 -0.26 9.95
CA VAL A 909 -13.05 0.10 9.20
C VAL A 909 -13.44 1.14 8.16
N GLU A 910 -12.67 2.24 8.11
CA GLU A 910 -13.08 3.42 7.35
C GLU A 910 -12.53 3.40 5.92
N TYR A 911 -12.91 2.36 5.18
CA TYR A 911 -12.61 2.34 3.76
C TYR A 911 -13.41 3.42 3.03
N VAL A 912 -12.78 4.00 2.00
CA VAL A 912 -13.39 5.16 1.34
C VAL A 912 -14.72 4.78 0.73
N ARG A 913 -14.77 3.67 0.00
CA ARG A 913 -16.04 3.09 -0.43
C ARG A 913 -16.45 2.06 0.62
N PRO A 914 -17.52 2.27 1.37
CA PRO A 914 -17.91 1.28 2.39
C PRO A 914 -18.14 -0.09 1.79
N GLN A 915 -17.79 -1.12 2.56
CA GLN A 915 -17.84 -2.49 2.09
C GLN A 915 -17.74 -3.40 3.31
N GLU A 916 -17.92 -4.70 3.08
CA GLU A 916 -17.80 -5.67 4.16
C GLU A 916 -16.46 -5.51 4.85
N CYS A 917 -16.50 -5.44 6.18
CA CYS A 917 -15.30 -5.24 6.98
C CYS A 917 -15.69 -5.31 8.45
N GLY A 918 -14.68 -5.49 9.30
CA GLY A 918 -14.89 -5.46 10.73
C GLY A 918 -15.16 -6.80 11.38
N ALA A 919 -15.20 -7.89 10.61
CA ALA A 919 -15.41 -9.20 11.20
C ALA A 919 -14.21 -9.61 12.04
N ARG A 920 -14.49 -10.16 13.21
CA ARG A 920 -13.44 -10.65 14.11
C ARG A 920 -13.56 -12.18 14.15
N SER A 921 -12.77 -12.84 13.31
CA SER A 921 -12.76 -14.29 13.28
C SER A 921 -12.05 -14.85 14.50
N GLY A 922 -12.33 -16.12 14.79
CA GLY A 922 -11.70 -16.78 15.92
C GLY A 922 -12.23 -16.36 17.27
N SER A 923 -13.46 -15.85 17.33
CA SER A 923 -14.03 -15.42 18.59
C SER A 923 -14.56 -16.62 19.37
N ARG A 924 -14.20 -16.70 20.65
CA ARG A 924 -14.74 -17.72 21.54
C ARG A 924 -15.86 -17.20 22.42
N SER A 925 -15.86 -15.90 22.71
CA SER A 925 -16.89 -15.29 23.53
C SER A 925 -16.99 -13.81 23.17
N ALA A 926 -18.18 -13.25 23.35
CA ALA A 926 -18.43 -11.86 23.01
C ALA A 926 -19.40 -11.26 24.02
N ALA A 927 -19.30 -9.94 24.19
CA ALA A 927 -20.17 -9.22 25.12
C ALA A 927 -20.53 -7.87 24.50
N LEU A 928 -21.79 -7.73 24.11
CA LEU A 928 -22.33 -6.45 23.67
C LEU A 928 -23.04 -5.78 24.84
N GLN A 929 -22.80 -4.48 25.02
CA GLN A 929 -23.41 -3.71 26.09
C GLN A 929 -24.45 -2.78 25.49
N LEU A 930 -25.72 -3.06 25.77
CA LEU A 930 -26.83 -2.24 25.31
C LEU A 930 -27.30 -1.34 26.46
N GLY A 931 -26.48 -0.34 26.75
CA GLY A 931 -26.78 0.55 27.87
C GLY A 931 -26.62 -0.13 29.21
N GLY A 932 -27.75 -0.36 29.89
CA GLY A 932 -27.70 -1.03 31.17
C GLY A 932 -27.55 -2.53 31.07
N ARG A 933 -28.06 -3.13 29.99
CA ARG A 933 -28.01 -4.56 29.81
C ARG A 933 -26.79 -4.96 28.99
N THR A 934 -26.37 -6.22 29.16
CA THR A 934 -25.18 -6.75 28.51
C THR A 934 -25.51 -8.11 27.92
N LEU A 935 -25.32 -8.25 26.61
CA LEU A 935 -25.60 -9.49 25.90
C LEU A 935 -24.29 -10.25 25.69
N GLU A 936 -24.26 -11.50 26.14
CA GLU A 936 -23.08 -12.36 26.02
C GLU A 936 -23.36 -13.51 25.07
N ILE A 937 -22.38 -13.84 24.24
CA ILE A 937 -22.47 -14.96 23.30
C ILE A 937 -21.23 -15.82 23.46
N CYS A 938 -21.43 -17.12 23.68
CA CYS A 938 -20.35 -18.09 23.72
C CYS A 938 -20.67 -19.23 22.77
N GLY A 939 -19.72 -20.15 22.63
CA GLY A 939 -19.86 -21.25 21.69
C GLY A 939 -18.57 -21.57 20.98
N ASP A 940 -18.57 -22.62 20.17
CA ASP A 940 -17.42 -22.99 19.36
C ASP A 940 -17.01 -21.78 18.52
N PRO A 941 -15.78 -21.76 18.02
CA PRO A 941 -15.27 -20.54 17.38
C PRO A 941 -16.21 -19.98 16.32
N PHE A 942 -16.47 -18.68 16.41
CA PHE A 942 -17.31 -17.96 15.47
C PHE A 942 -16.67 -16.63 15.14
N ALA A 943 -17.12 -16.02 14.06
CA ALA A 943 -16.73 -14.66 13.72
C ALA A 943 -17.78 -13.68 14.21
N LEU A 944 -17.32 -12.51 14.67
CA LEU A 944 -18.18 -11.51 15.28
C LEU A 944 -18.13 -10.23 14.47
N THR A 945 -19.29 -9.62 14.26
CA THR A 945 -19.38 -8.31 13.64
C THR A 945 -20.58 -7.57 14.23
N VAL A 946 -20.38 -6.29 14.57
CA VAL A 946 -21.43 -5.46 15.13
C VAL A 946 -21.43 -4.14 14.38
N ARG A 947 -22.60 -3.73 13.90
CA ARG A 947 -22.73 -2.50 13.12
C ARG A 947 -24.00 -1.77 13.54
N PRO A 948 -24.00 -0.44 13.47
CA PRO A 948 -25.23 0.33 13.70
C PRO A 948 -26.13 0.48 12.49
N TYR A 949 -25.82 -0.18 11.37
CA TYR A 949 -26.61 -0.09 10.16
C TYR A 949 -26.64 -1.46 9.48
N SER A 950 -27.55 -1.61 8.52
CA SER A 950 -27.78 -2.90 7.88
C SER A 950 -26.76 -3.15 6.78
N GLN A 951 -26.81 -4.37 6.22
CA GLN A 951 -25.94 -4.71 5.10
C GLN A 951 -26.38 -3.99 3.82
N ASP A 952 -27.69 -3.82 3.63
CA ASP A 952 -28.17 -3.14 2.43
C ASP A 952 -27.73 -1.69 2.42
N VAL A 953 -27.73 -1.04 3.58
CA VAL A 953 -27.21 0.33 3.66
C VAL A 953 -25.71 0.34 3.40
N LEU A 954 -24.99 -0.67 3.91
CA LEU A 954 -23.55 -0.74 3.68
C LEU A 954 -23.24 -0.93 2.20
N ASP A 955 -23.96 -1.82 1.52
CA ASP A 955 -23.69 -2.06 0.11
C ASP A 955 -24.06 -0.85 -0.75
N ALA A 956 -25.13 -0.15 -0.39
CA ALA A 956 -25.58 0.98 -1.20
C ALA A 956 -24.65 2.18 -1.06
N ALA A 957 -23.93 2.28 0.06
CA ALA A 957 -23.13 3.46 0.35
C ALA A 957 -21.92 3.55 -0.58
N ALA A 958 -21.77 4.69 -1.25
CA ALA A 958 -20.60 4.93 -2.08
C ALA A 958 -19.51 5.67 -1.33
N HIS A 959 -19.87 6.49 -0.34
CA HIS A 959 -18.92 7.18 0.51
C HIS A 959 -19.36 7.05 1.96
N ARG A 960 -18.41 7.23 2.88
CA ARG A 960 -18.72 7.01 4.29
C ARG A 960 -19.84 7.89 4.81
N PRO A 961 -20.03 9.13 4.35
CA PRO A 961 -21.20 9.90 4.80
C PRO A 961 -22.54 9.25 4.46
N ASP A 962 -22.57 8.30 3.52
CA ASP A 962 -23.80 7.61 3.18
C ASP A 962 -24.24 6.62 4.25
N LEU A 963 -23.38 6.29 5.21
CA LEU A 963 -23.71 5.37 6.29
C LEU A 963 -24.37 6.13 7.43
N LYS A 964 -25.52 5.63 7.87
CA LYS A 964 -26.28 6.27 8.94
C LYS A 964 -26.73 5.21 9.93
N ALA A 965 -26.68 5.58 11.22
CA ALA A 965 -27.22 4.71 12.26
C ALA A 965 -28.73 4.84 12.30
N ASP A 966 -29.41 3.72 12.55
CA ASP A 966 -30.87 3.68 12.60
C ASP A 966 -31.38 3.31 13.99
N GLY A 967 -30.54 3.40 15.01
CA GLY A 967 -30.96 3.10 16.36
C GLY A 967 -30.96 1.63 16.72
N ARG A 968 -30.47 0.76 15.84
CA ARG A 968 -30.49 -0.67 16.06
C ARG A 968 -29.06 -1.21 16.12
N THR A 969 -28.96 -2.48 16.53
CA THR A 969 -27.69 -3.20 16.54
C THR A 969 -27.81 -4.36 15.57
N TYR A 970 -26.90 -4.41 14.60
CA TYR A 970 -26.82 -5.51 13.64
C TYR A 970 -25.67 -6.40 14.06
N LEU A 971 -26.01 -7.55 14.65
CA LEU A 971 -25.04 -8.49 15.19
C LEU A 971 -24.94 -9.69 14.27
N TYR A 972 -23.72 -10.02 13.86
CA TYR A 972 -23.46 -11.12 12.93
C TYR A 972 -22.59 -12.16 13.61
N VAL A 973 -23.11 -13.38 13.72
CA VAL A 973 -22.41 -14.51 14.30
C VAL A 973 -22.26 -15.54 13.19
N ASP A 974 -21.03 -15.73 12.70
CA ASP A 974 -20.76 -16.55 11.54
C ASP A 974 -20.07 -17.84 11.96
N HIS A 975 -20.61 -18.98 11.50
CA HIS A 975 -19.96 -20.26 11.69
C HIS A 975 -18.88 -20.51 10.65
N ALA A 976 -19.00 -19.88 9.49
CA ALA A 976 -18.02 -20.02 8.42
C ALA A 976 -17.98 -18.74 7.61
N LEU A 977 -16.79 -18.42 7.10
CA LEU A 977 -16.58 -17.23 6.27
C LEU A 977 -15.78 -17.59 5.03
N ARG A 978 -16.01 -16.82 3.97
CA ARG A 978 -15.17 -16.88 2.79
C ARG A 978 -13.95 -15.99 2.98
N GLY A 979 -12.91 -16.27 2.20
CA GLY A 979 -11.76 -15.39 2.14
C GLY A 979 -12.08 -14.13 1.37
N VAL A 980 -11.12 -13.22 1.35
CA VAL A 980 -11.27 -11.96 0.63
C VAL A 980 -10.38 -11.89 -0.61
N GLY A 981 -9.22 -12.55 -0.62
CA GLY A 981 -8.38 -12.61 -1.80
C GLY A 981 -7.81 -11.26 -2.21
N THR A 982 -7.47 -11.15 -3.50
CA THR A 982 -7.01 -9.92 -4.11
C THR A 982 -7.55 -9.81 -5.54
N ALA A 983 -8.81 -10.20 -5.74
CA ALA A 983 -9.36 -10.31 -7.08
C ALA A 983 -9.55 -8.96 -7.77
N ALA A 984 -9.53 -7.85 -7.03
CA ALA A 984 -9.58 -6.55 -7.68
C ALA A 984 -8.43 -6.37 -8.66
N CYS A 985 -7.30 -7.02 -8.40
CA CYS A 985 -6.19 -7.07 -9.36
C CYS A 985 -5.25 -8.18 -8.90
N GLY A 986 -5.31 -9.31 -9.59
CA GLY A 986 -4.52 -10.46 -9.22
C GLY A 986 -5.37 -11.62 -8.74
N PRO A 987 -4.76 -12.56 -8.00
CA PRO A 987 -5.48 -13.78 -7.64
C PRO A 987 -6.72 -13.52 -6.79
N GLY A 988 -7.75 -14.30 -7.04
CA GLY A 988 -8.91 -14.35 -6.17
C GLY A 988 -8.62 -15.17 -4.94
N VAL A 989 -9.69 -15.49 -4.21
CA VAL A 989 -9.57 -16.31 -3.01
C VAL A 989 -8.95 -17.65 -3.37
N LEU A 990 -7.95 -18.07 -2.59
CA LEU A 990 -7.34 -19.36 -2.79
C LEU A 990 -8.34 -20.48 -2.46
N GLU A 991 -8.07 -21.66 -3.01
CA GLU A 991 -9.03 -22.77 -2.93
C GLU A 991 -9.44 -23.06 -1.49
N GLN A 992 -8.46 -23.12 -0.58
CA GLN A 992 -8.77 -23.55 0.79
C GLN A 992 -9.62 -22.54 1.56
N TYR A 993 -9.78 -21.32 1.05
CA TYR A 993 -10.59 -20.31 1.72
C TYR A 993 -11.92 -20.04 1.01
N ARG A 994 -12.24 -20.80 -0.04
CA ARG A 994 -13.53 -20.66 -0.70
C ARG A 994 -14.62 -21.34 0.14
N LEU A 995 -15.85 -20.93 -0.10
CA LEU A 995 -17.01 -21.41 0.67
C LEU A 995 -18.10 -21.84 -0.30
N LYS A 996 -18.09 -23.11 -0.67
CA LYS A 996 -19.12 -23.68 -1.52
C LYS A 996 -20.31 -24.16 -0.68
N PRO A 997 -21.53 -24.11 -1.22
CA PRO A 997 -22.69 -24.55 -0.44
C PRO A 997 -22.47 -25.92 0.18
N ARG A 998 -22.83 -26.05 1.45
CA ARG A 998 -22.63 -27.30 2.17
C ARG A 998 -23.56 -27.33 3.37
N ASP A 999 -23.74 -28.53 3.91
CA ASP A 999 -24.47 -28.69 5.16
C ASP A 999 -23.58 -28.27 6.33
N ALA A 1000 -24.23 -27.80 7.40
CA ALA A 1000 -23.48 -27.33 8.55
C ALA A 1000 -24.38 -27.33 9.77
N ASP A 1001 -23.75 -27.34 10.95
CA ASP A 1001 -24.45 -27.26 12.21
C ASP A 1001 -23.51 -26.64 13.23
N PHE A 1002 -24.06 -25.85 14.14
CA PHE A 1002 -23.24 -25.18 15.14
C PHE A 1002 -24.10 -24.73 16.31
N ILE A 1003 -23.47 -24.67 17.48
CA ILE A 1003 -24.15 -24.39 18.73
C ILE A 1003 -23.67 -23.06 19.27
N LEU A 1004 -24.58 -22.34 19.93
CA LEU A 1004 -24.26 -21.10 20.61
C LEU A 1004 -24.98 -21.07 21.96
N THR A 1005 -24.49 -20.19 22.84
CA THR A 1005 -25.16 -19.91 24.10
C THR A 1005 -25.28 -18.41 24.26
N LEU A 1006 -26.42 -17.96 24.76
CA LEU A 1006 -26.70 -16.55 24.96
C LEU A 1006 -27.09 -16.30 26.40
N LYS A 1007 -26.86 -15.07 26.86
CA LYS A 1007 -27.18 -14.71 28.23
C LYS A 1007 -27.15 -13.20 28.37
N VAL A 1008 -28.07 -12.66 29.16
CA VAL A 1008 -28.22 -11.23 29.37
C VAL A 1008 -28.00 -10.93 30.84
N ARG A 1009 -27.17 -9.91 31.12
CA ARG A 1009 -26.93 -9.43 32.47
C ARG A 1009 -27.44 -8.00 32.55
N SER A 1010 -28.47 -7.78 33.36
CA SER A 1010 -29.08 -6.46 33.49
C SER A 1010 -28.49 -5.69 34.66
C2 BGC B . -6.13 -3.95 -15.99
C3 BGC B . -5.09 -3.16 -15.29
C4 BGC B . -4.11 -4.00 -14.52
C5 BGC B . -3.59 -5.21 -15.31
C6 BGC B . -2.84 -6.13 -14.38
C1 BGC B . -5.53 -5.09 -16.80
O1 BGC B . -6.55 -5.83 -17.32
O2 BGC B . -6.86 -3.07 -16.88
O3 BGC B . -5.74 -2.25 -14.34
O4 BGC B . -2.98 -3.17 -14.20
O5 BGC B . -4.67 -5.97 -15.95
O6 BGC B . -1.49 -6.24 -14.81
C1 GAL B . -2.88 -2.95 -12.85
C2 GAL B . -1.50 -2.34 -12.58
C3 GAL B . -1.34 -1.84 -11.20
C4 GAL B . -2.48 -1.02 -10.71
C5 GAL B . -3.83 -1.72 -10.97
C6 GAL B . -4.95 -0.82 -10.56
O2 GAL B . -0.52 -3.37 -12.81
O3 GAL B . -0.12 -1.01 -11.14
O4 GAL B . -2.45 0.25 -11.36
O5 GAL B . -3.99 -2.07 -12.39
O6 GAL B . -4.77 -0.42 -9.24
NA NA C . -4.79 2.06 -8.52
NA NA D . -10.63 0.85 -1.22
C ACT E . -1.91 19.91 5.45
O ACT E . -1.92 18.87 6.12
OXT ACT E . -2.81 20.25 4.68
CH3 ACT E . -0.71 20.85 5.59
C ACT F . 8.62 20.60 -0.47
O ACT F . 7.95 20.53 -1.49
OXT ACT F . 9.12 21.65 -0.05
CH3 ACT F . 8.87 19.32 0.30
C1 MLI G . -43.75 -29.55 4.37
C2 MLI G . -43.57 -28.08 3.99
C3 MLI G . -43.61 -29.70 5.89
O6 MLI G . -44.43 -27.22 4.35
O7 MLI G . -42.56 -27.72 3.33
O8 MLI G . -44.63 -29.62 6.61
O9 MLI G . -42.49 -29.91 6.40
C FMT H . -7.88 -3.25 23.14
O1 FMT H . -8.98 -3.79 22.98
O2 FMT H . -7.17 -2.95 22.18
C1 FRU I . 29.20 14.05 -16.59
C2 FRU I . 30.26 13.54 -15.59
C3 FRU I . 30.73 12.33 -15.94
C4 FRU I . 31.33 11.81 -14.62
C5 FRU I . 30.35 12.39 -13.50
C6 FRU I . 31.15 13.01 -12.39
O1 FRU I . 28.15 14.65 -15.88
O2 FRU I . 31.28 14.42 -15.51
O3 FRU I . 31.76 12.44 -16.97
O4 FRU I . 31.32 10.48 -14.60
O5 FRU I . 29.61 13.31 -14.11
O6 FRU I . 31.98 14.01 -12.91
C1 FRU J . 20.16 17.48 -21.13
C2 FRU J . 21.67 17.19 -21.13
C3 FRU J . 22.16 16.72 -22.27
C4 FRU J . 23.47 16.05 -21.82
C5 FRU J . 23.12 15.42 -20.41
C6 FRU J . 24.26 15.51 -19.42
O1 FRU J . 20.04 18.85 -20.88
O2 FRU J . 22.24 18.39 -20.94
O3 FRU J . 22.44 17.86 -23.16
O4 FRU J . 23.81 15.07 -22.65
O5 FRU J . 22.08 16.09 -19.98
O6 FRU J . 24.57 14.25 -18.90
C1 GAL K . -4.31 -12.59 -16.02
C2 GAL K . -4.22 -11.18 -15.40
C3 GAL K . -4.90 -10.11 -16.26
C4 GAL K . -6.28 -10.57 -16.77
C5 GAL K . -6.22 -12.01 -17.29
C6 GAL K . -6.78 -12.19 -18.71
O1 GAL K . -3.06 -13.19 -16.11
O2 GAL K . -4.85 -11.12 -14.12
O3 GAL K . -4.11 -9.80 -17.41
O4 GAL K . -6.73 -9.71 -17.81
O5 GAL K . -4.87 -12.49 -17.32
O6 GAL K . -6.59 -13.52 -19.17
#